data_8FJ4
#
_entry.id   8FJ4
#
_cell.length_a   118.346
_cell.length_b   179.743
_cell.length_c   232.329
_cell.angle_alpha   90.00
_cell.angle_beta   90.00
_cell.angle_gamma   90.00
#
_symmetry.space_group_name_H-M   'I 2 2 2'
#
loop_
_entity.id
_entity.type
_entity.pdbx_description
1 polymer 'Lysine-specific histone demethylase 1A'
2 polymer 'REST corepressor 1'
3 non-polymer 3-[(1R,2S)-2-(cyclobutylamino)cyclopropyl]-N-phenylbenzamide
4 non-polymer '[(2R,3S,4R,5R)-5-(6-amino-9H-purin-9-yl)-3,4-dihydroxyoxolan-2-yl]methyl (2R,3S,4S)-2,3,4-trihydroxy-5-[(1R,3R,3aS,13R)-1-hydroxy-10,11-dimethyl-4,6-dioxo-3-[3-(phenylcarbamoyl)phenyl]-2,3,5,6-tetrahydro-1H-benzo[g]pyrrolo[2,1-e]pteridin-8(4H)-yl]pentyl dihydrogen diphosphate'
#
loop_
_entity_poly.entity_id
_entity_poly.type
_entity_poly.pdbx_seq_one_letter_code
_entity_poly.pdbx_strand_id
1 'polypeptide(L)'
;GSSHHHHHHSSGLVPRGSHMLSGKKAAAAAAAAAAAATGTEAGPGTAGGSENGSEVAAQPAGLSGPAEVGPGAVGERTPR
KKEPPRASPPGGLAEPPGSAGPQAGPTVVPGSATPMETGIAETPEGRRTSRRKRAKVEYREMDESLANLSEDEYYSEEER
NAKAEKEKKLPPPPPQAPPEEENESEPEEPSGVEGAAFQSRLPHDRMTSQEAACFPDIISGPQQTQKVFLFIRNRTLQLW
LDNPKIQLTFEATLQQLEAPYNSDTVLVHRVHSYLERHGLINFGIYKRIKPLPTKKTGKVIIIGSGVSGLAAARQLQSFG
MDVTLLEARDRVGGRVATFRKGNYVADLGAMVVTGLGGNPMAVVSKQVNMELAKIKQKCPLYEANGQAVPKEKDEMVEQE
FNRLLEATSYLSHQLDFNVLNNKPVSLGQALEVVIQLQEKHVKDEQIEHWKKIVKTQEELKELLNKMVNLKEKIKELHQQ
YKEASEVKPPRDITAEFLVKSKHRDLTALCKEYDELAETQGKLEEKLQELEANPPSDVYLSSRDRQILDWHFANLEFANA
TPLSTLSLKHWDQDDDFEFTGSHLTVRNGYSCVPVALAEGLDIKLNTAVRQVRYTASGCEVIAVNTRSTSQTFIYKCDAV
LCTLPLGVLKQQPPAVQFVPPLPEWKTSAVQRMGFGNLNKVVLCFDRVFWDPSVNLFGHVGSTTASRGELFLFWNLYKAP
ILLALVAGEAAGIMENISDDVIVGRCLAILKGIFGSSAVPQPKETVVSRWRADPWARGSYSYVAAGSSGNDYDLMAQPIT
PGPSIPGAPQPIPRLFFAGEHTIRNYPATVHGALLSGLREAGRIADQFLGAMYTLPRQATPGVPAQQSPSM
;
A
2 'polypeptide(L)'
;GPLGSPEFRAKRKPPKGMFLSQEDVEAVSANATAATTVLRQLDMELVSVKRQIQNIKQTNSALKEKLDGGIEPYRLPEVI
QKCNARWTTEEQLLAVQAIRKYGRDFQAISDVIGNKSVVQVKNFFVNYRRRFNIDEVLQEWEAE
;
B
#
# COMPACT_ATOMS: atom_id res chain seq x y z
N PRO A 190 18.83 -14.99 -14.66
CA PRO A 190 19.09 -16.40 -15.01
C PRO A 190 20.00 -16.56 -16.24
N SER A 191 20.46 -17.79 -16.53
CA SER A 191 21.60 -18.02 -17.41
C SER A 191 21.42 -19.25 -18.27
N GLY A 192 21.76 -19.12 -19.56
CA GLY A 192 21.81 -20.26 -20.46
C GLY A 192 20.51 -20.53 -21.18
N VAL A 193 20.14 -21.81 -21.34
CA VAL A 193 18.82 -22.07 -21.91
C VAL A 193 17.75 -21.70 -20.89
N GLU A 194 18.02 -21.92 -19.61
CA GLU A 194 17.00 -21.61 -18.61
C GLU A 194 16.73 -20.10 -18.55
N GLY A 195 17.74 -19.28 -18.88
CA GLY A 195 17.52 -17.85 -18.93
C GLY A 195 16.66 -17.43 -20.10
N ALA A 196 16.80 -18.12 -21.24
CA ALA A 196 15.94 -17.86 -22.38
C ALA A 196 14.47 -18.10 -22.05
N ALA A 197 14.16 -19.15 -21.29
CA ALA A 197 12.78 -19.38 -20.90
C ALA A 197 12.25 -18.26 -20.01
N PHE A 198 13.07 -17.79 -19.07
CA PHE A 198 12.63 -16.71 -18.19
C PHE A 198 12.48 -15.40 -18.96
N GLN A 199 13.39 -15.15 -19.92
CA GLN A 199 13.37 -13.96 -20.73
C GLN A 199 12.20 -13.95 -21.71
N SER A 200 11.51 -15.09 -21.87
CA SER A 200 10.30 -15.20 -22.67
C SER A 200 9.08 -15.49 -21.81
N ARG A 201 9.17 -15.19 -20.52
CA ARG A 201 8.03 -15.25 -19.60
C ARG A 201 7.49 -16.67 -19.42
N LEU A 202 8.34 -17.70 -19.64
CA LEU A 202 7.99 -19.13 -19.55
C LEU A 202 8.79 -19.85 -18.47
N PRO A 203 8.15 -20.72 -17.69
CA PRO A 203 8.90 -21.56 -16.75
C PRO A 203 9.78 -22.55 -17.49
N HIS A 204 11.07 -22.57 -17.15
CA HIS A 204 12.03 -23.40 -17.90
C HIS A 204 11.84 -24.88 -17.66
N ASP A 205 11.28 -25.28 -16.52
CA ASP A 205 11.29 -26.67 -16.09
C ASP A 205 9.93 -27.34 -16.15
N ARG A 206 8.94 -26.69 -16.75
CA ARG A 206 7.60 -27.25 -16.88
C ARG A 206 6.97 -26.70 -18.13
N MET A 207 5.98 -27.41 -18.65
CA MET A 207 5.28 -26.98 -19.85
C MET A 207 4.04 -26.18 -19.49
N THR A 208 3.82 -25.10 -20.25
CA THR A 208 2.71 -24.19 -20.01
C THR A 208 1.41 -24.77 -20.53
N SER A 209 0.31 -24.16 -20.11
CA SER A 209 -1.01 -24.61 -20.56
C SER A 209 -1.15 -24.50 -22.08
N GLN A 210 -0.55 -23.47 -22.68
CA GLN A 210 -0.63 -23.35 -24.12
C GLN A 210 0.03 -24.51 -24.82
N GLU A 211 1.26 -24.83 -24.41
CA GLU A 211 1.98 -25.88 -25.11
C GLU A 211 1.47 -27.27 -24.74
N ALA A 212 0.87 -27.43 -23.57
CA ALA A 212 0.06 -28.62 -23.34
C ALA A 212 -0.97 -28.79 -24.44
N ALA A 213 -1.57 -27.68 -24.87
CA ALA A 213 -2.65 -27.74 -25.85
C ALA A 213 -2.15 -28.04 -27.25
N CYS A 214 -0.97 -27.56 -27.61
CA CYS A 214 -0.37 -27.91 -28.89
C CYS A 214 0.38 -29.24 -28.85
N PHE A 215 0.85 -29.68 -27.68
CA PHE A 215 1.62 -30.91 -27.60
C PHE A 215 1.01 -31.85 -26.57
N PRO A 216 -0.27 -32.19 -26.72
CA PRO A 216 -0.89 -33.06 -25.71
C PRO A 216 -0.29 -34.44 -25.67
N ASP A 217 0.51 -34.76 -26.67
CA ASP A 217 1.22 -36.05 -26.67
C ASP A 217 2.35 -35.97 -25.64
N ILE A 218 3.20 -34.96 -25.74
CA ILE A 218 4.38 -34.82 -24.86
C ILE A 218 3.96 -34.62 -23.41
N ILE A 219 3.07 -33.67 -23.16
CA ILE A 219 2.79 -33.40 -21.73
C ILE A 219 1.98 -34.55 -21.19
N SER A 220 1.44 -35.36 -22.07
CA SER A 220 0.65 -36.50 -21.58
C SER A 220 1.53 -37.72 -21.50
N GLY A 221 2.75 -37.63 -22.05
CA GLY A 221 3.64 -38.79 -22.12
C GLY A 221 4.57 -38.86 -20.96
N PRO A 222 5.68 -39.62 -21.10
CA PRO A 222 6.65 -39.79 -20.04
C PRO A 222 7.54 -38.56 -19.85
N GLN A 223 7.98 -38.35 -18.61
CA GLN A 223 8.82 -37.20 -18.20
C GLN A 223 10.04 -37.01 -19.07
N GLN A 224 10.69 -38.09 -19.49
CA GLN A 224 11.90 -37.97 -20.33
C GLN A 224 11.64 -37.06 -21.51
N THR A 225 10.65 -37.39 -22.32
CA THR A 225 10.37 -36.60 -23.54
C THR A 225 10.14 -35.13 -23.19
N GLN A 226 9.31 -34.87 -22.17
CA GLN A 226 8.99 -33.50 -21.72
C GLN A 226 10.28 -32.74 -21.56
N LYS A 227 11.19 -33.27 -20.76
CA LYS A 227 12.46 -32.57 -20.61
C LYS A 227 13.16 -32.39 -21.95
N VAL A 228 13.00 -33.36 -22.85
CA VAL A 228 13.50 -33.20 -24.22
C VAL A 228 12.84 -31.99 -24.86
N PHE A 229 11.51 -32.05 -25.01
CA PHE A 229 10.74 -30.92 -25.51
C PHE A 229 11.15 -29.65 -24.81
N LEU A 230 11.14 -29.69 -23.49
CA LEU A 230 11.43 -28.47 -22.69
C LEU A 230 12.78 -27.96 -23.08
N PHE A 231 13.78 -28.83 -23.10
CA PHE A 231 15.12 -28.37 -23.51
C PHE A 231 15.07 -27.92 -24.96
N ILE A 232 14.36 -28.67 -25.79
CA ILE A 232 14.30 -28.34 -27.23
C ILE A 232 13.70 -26.96 -27.40
N ARG A 233 12.65 -26.63 -26.64
CA ARG A 233 12.07 -25.28 -26.71
C ARG A 233 13.11 -24.30 -26.21
N ASN A 234 13.70 -24.52 -25.04
CA ASN A 234 14.54 -23.50 -24.38
C ASN A 234 15.71 -23.12 -25.25
N ARG A 235 16.33 -24.08 -25.91
CA ARG A 235 17.48 -23.70 -26.76
C ARG A 235 16.99 -22.80 -27.88
N THR A 236 15.88 -23.17 -28.49
CA THR A 236 15.35 -22.42 -29.65
C THR A 236 15.12 -20.98 -29.22
N LEU A 237 14.46 -20.80 -28.09
CA LEU A 237 14.28 -19.43 -27.59
C LEU A 237 15.61 -18.74 -27.45
N GLN A 238 16.60 -19.42 -26.86
CA GLN A 238 17.93 -18.85 -26.73
C GLN A 238 18.44 -18.40 -28.08
N LEU A 239 18.47 -19.32 -29.06
CA LEU A 239 18.98 -18.96 -30.39
C LEU A 239 18.30 -17.70 -30.93
N TRP A 240 16.96 -17.64 -30.85
CA TRP A 240 16.29 -16.41 -31.24
C TRP A 240 16.78 -15.23 -30.42
N LEU A 241 16.96 -15.43 -29.11
CA LEU A 241 17.17 -14.29 -28.23
C LEU A 241 18.55 -13.67 -28.39
N ASP A 242 19.60 -14.48 -28.61
CA ASP A 242 20.90 -13.83 -28.45
C ASP A 242 21.26 -13.11 -29.74
N ASN A 243 20.44 -13.32 -30.77
CA ASN A 243 20.48 -12.56 -32.02
C ASN A 243 19.07 -12.43 -32.52
N PRO A 244 18.37 -11.35 -32.21
CA PRO A 244 17.02 -11.23 -32.74
C PRO A 244 16.93 -10.20 -33.83
N LYS A 245 18.03 -9.97 -34.53
CA LYS A 245 17.99 -9.11 -35.72
C LYS A 245 17.83 -9.90 -37.00
N ILE A 246 17.81 -11.24 -36.95
CA ILE A 246 17.61 -12.08 -38.12
C ILE A 246 16.68 -13.22 -37.79
N GLN A 247 15.96 -13.67 -38.81
CA GLN A 247 15.01 -14.76 -38.68
C GLN A 247 15.72 -16.01 -38.17
N LEU A 248 15.16 -16.64 -37.15
CA LEU A 248 15.68 -17.92 -36.71
C LEU A 248 14.88 -18.98 -37.44
N THR A 249 15.40 -19.41 -38.58
CA THR A 249 14.79 -20.43 -39.39
C THR A 249 14.90 -21.82 -38.78
N PHE A 250 13.91 -22.67 -39.08
CA PHE A 250 13.88 -24.02 -38.50
C PHE A 250 15.12 -24.82 -38.86
N GLU A 251 15.69 -24.57 -40.03
CA GLU A 251 16.91 -25.28 -40.40
C GLU A 251 18.06 -24.83 -39.50
N ALA A 252 18.29 -23.52 -39.40
CA ALA A 252 19.35 -23.04 -38.51
C ALA A 252 19.14 -23.48 -37.07
N THR A 253 17.91 -23.82 -36.69
CA THR A 253 17.67 -24.26 -35.33
C THR A 253 18.14 -25.69 -35.11
N LEU A 254 17.67 -26.60 -35.97
CA LEU A 254 18.07 -28.00 -35.88
C LEU A 254 19.57 -28.16 -36.09
N GLN A 255 20.08 -27.41 -37.06
CA GLN A 255 21.52 -27.44 -37.42
C GLN A 255 22.37 -27.23 -36.17
N GLN A 256 21.95 -26.32 -35.30
CA GLN A 256 22.72 -26.00 -34.11
C GLN A 256 22.26 -26.72 -32.86
N LEU A 257 21.24 -27.56 -32.94
CA LEU A 257 20.98 -28.43 -31.81
C LEU A 257 22.02 -29.54 -31.75
N GLU A 258 22.21 -30.06 -30.54
CA GLU A 258 23.13 -31.16 -30.29
C GLU A 258 22.34 -32.41 -29.92
N ALA A 259 22.81 -33.58 -30.37
CA ALA A 259 22.15 -34.83 -30.07
C ALA A 259 22.12 -35.05 -28.55
N PRO A 260 21.13 -35.78 -28.04
CA PRO A 260 20.04 -36.48 -28.71
C PRO A 260 18.89 -35.56 -29.16
N TYR A 261 19.00 -34.27 -28.81
CA TYR A 261 17.94 -33.32 -29.05
C TYR A 261 17.72 -32.99 -30.52
N ASN A 262 18.67 -33.32 -31.39
CA ASN A 262 18.53 -33.11 -32.82
C ASN A 262 18.31 -34.43 -33.57
N SER A 263 17.50 -35.31 -32.99
CA SER A 263 17.23 -36.61 -33.58
C SER A 263 15.77 -36.81 -33.94
N ASP A 264 14.84 -36.29 -33.15
CA ASP A 264 13.41 -36.31 -33.47
C ASP A 264 13.13 -35.11 -34.36
N THR A 265 13.38 -35.29 -35.65
CA THR A 265 13.38 -34.16 -36.57
C THR A 265 12.04 -33.42 -36.61
N VAL A 266 10.93 -34.08 -36.25
CA VAL A 266 9.65 -33.38 -36.33
C VAL A 266 9.29 -32.70 -35.01
N LEU A 267 9.69 -33.28 -33.86
CA LEU A 267 9.48 -32.58 -32.60
C LEU A 267 10.17 -31.22 -32.62
N VAL A 268 11.38 -31.14 -33.19
CA VAL A 268 11.97 -29.83 -33.45
C VAL A 268 11.08 -29.01 -34.35
N HIS A 269 10.63 -29.60 -35.46
CA HIS A 269 9.84 -28.79 -36.39
C HIS A 269 8.53 -28.33 -35.78
N ARG A 270 7.90 -29.16 -34.93
CA ARG A 270 6.74 -28.68 -34.18
C ARG A 270 7.13 -27.57 -33.21
N VAL A 271 8.14 -27.81 -32.38
CA VAL A 271 8.55 -26.81 -31.37
C VAL A 271 8.83 -25.46 -32.04
N HIS A 272 9.70 -25.45 -33.03
CA HIS A 272 10.01 -24.21 -33.72
C HIS A 272 8.75 -23.58 -34.30
N SER A 273 7.86 -24.40 -34.88
CA SER A 273 6.65 -23.87 -35.49
C SER A 273 5.79 -23.14 -34.48
N TYR A 274 5.41 -23.83 -33.38
CA TYR A 274 4.77 -23.22 -32.22
C TYR A 274 5.41 -21.90 -31.80
N LEU A 275 6.71 -21.91 -31.58
CA LEU A 275 7.36 -20.69 -31.13
C LEU A 275 7.22 -19.57 -32.17
N GLU A 276 7.25 -19.91 -33.46
CA GLU A 276 7.16 -18.87 -34.49
C GLU A 276 5.74 -18.33 -34.58
N ARG A 277 4.76 -19.21 -34.36
CA ARG A 277 3.35 -18.87 -34.49
C ARG A 277 2.96 -17.85 -33.44
N HIS A 278 3.32 -18.10 -32.20
CA HIS A 278 2.89 -17.21 -31.10
C HIS A 278 3.91 -16.13 -30.83
N GLY A 279 4.75 -15.86 -31.80
CA GLY A 279 5.72 -14.77 -31.69
C GLY A 279 6.64 -14.91 -30.51
N LEU A 280 7.09 -16.11 -30.18
CA LEU A 280 8.10 -16.17 -29.10
C LEU A 280 9.47 -16.01 -29.74
N ILE A 281 9.55 -16.25 -31.04
CA ILE A 281 10.76 -16.09 -31.88
C ILE A 281 10.33 -15.41 -33.18
N ASN A 282 11.27 -14.78 -33.87
CA ASN A 282 10.99 -14.14 -35.18
C ASN A 282 9.83 -13.17 -35.09
N PHE A 283 9.84 -12.32 -34.08
CA PHE A 283 8.80 -11.28 -33.95
C PHE A 283 9.49 -9.94 -33.88
N GLY A 284 8.80 -8.89 -34.27
CA GLY A 284 9.39 -7.56 -34.29
C GLY A 284 9.92 -7.22 -35.66
N ILE A 285 11.18 -6.80 -35.71
CA ILE A 285 11.80 -6.34 -36.95
C ILE A 285 13.05 -7.17 -37.17
N TYR A 286 12.92 -8.21 -37.95
CA TYR A 286 14.01 -9.09 -38.25
C TYR A 286 14.17 -9.13 -39.75
N LYS A 287 15.42 -9.30 -40.17
CA LYS A 287 15.72 -9.47 -41.60
C LYS A 287 15.35 -10.91 -41.90
N ARG A 288 14.46 -11.07 -42.85
CA ARG A 288 13.89 -12.36 -43.27
C ARG A 288 14.89 -13.07 -44.15
N ILE A 289 15.12 -14.33 -43.86
CA ILE A 289 15.94 -15.13 -44.77
C ILE A 289 15.06 -15.66 -45.90
N LYS A 290 14.11 -16.52 -45.53
CA LYS A 290 13.00 -16.95 -46.40
C LYS A 290 12.15 -15.74 -46.79
N PRO A 291 12.20 -15.28 -48.04
CA PRO A 291 11.37 -14.13 -48.41
C PRO A 291 9.90 -14.50 -48.44
N LEU A 292 9.06 -13.48 -48.22
CA LEU A 292 7.60 -13.58 -48.13
C LEU A 292 7.02 -14.35 -49.31
N PRO A 293 5.81 -14.93 -49.20
CA PRO A 293 5.27 -15.67 -50.35
C PRO A 293 4.67 -14.73 -51.39
N THR A 294 4.87 -15.10 -52.66
CA THR A 294 4.42 -14.27 -53.77
C THR A 294 2.94 -13.93 -53.62
N LYS A 295 2.11 -14.94 -53.36
CA LYS A 295 0.67 -14.72 -53.16
C LYS A 295 0.29 -15.13 -51.75
N LYS A 296 -0.72 -14.43 -51.22
CA LYS A 296 -1.05 -14.45 -49.81
C LYS A 296 -2.17 -15.46 -49.53
N THR A 297 -2.72 -15.43 -48.33
CA THR A 297 -3.82 -16.31 -47.95
C THR A 297 -4.66 -15.60 -46.90
N GLY A 298 -5.96 -15.52 -47.11
CA GLY A 298 -6.84 -14.90 -46.14
C GLY A 298 -6.68 -13.40 -46.04
N LYS A 299 -7.76 -12.70 -45.67
CA LYS A 299 -7.74 -11.25 -45.55
C LYS A 299 -8.09 -10.84 -44.11
N VAL A 300 -7.22 -10.06 -43.48
CA VAL A 300 -7.50 -9.54 -42.14
C VAL A 300 -7.47 -8.02 -42.20
N ILE A 301 -8.54 -7.40 -41.70
CA ILE A 301 -8.59 -5.97 -41.44
C ILE A 301 -8.34 -5.74 -39.94
N ILE A 302 -7.29 -4.96 -39.65
CA ILE A 302 -6.90 -4.60 -38.30
C ILE A 302 -7.34 -3.16 -38.01
N ILE A 303 -8.22 -2.98 -37.03
CA ILE A 303 -8.68 -1.65 -36.65
C ILE A 303 -7.67 -1.04 -35.67
N GLY A 304 -7.03 0.03 -36.08
CA GLY A 304 -6.12 0.72 -35.19
C GLY A 304 -4.69 0.29 -35.43
N SER A 305 -3.77 1.24 -35.60
CA SER A 305 -2.37 0.92 -35.75
C SER A 305 -1.58 1.38 -34.52
N GLY A 306 -2.20 1.22 -33.35
CA GLY A 306 -1.44 1.18 -32.11
C GLY A 306 -0.48 0.01 -32.10
N VAL A 307 0.45 0.05 -31.14
CA VAL A 307 1.45 -1.02 -31.01
C VAL A 307 0.79 -2.39 -31.05
N SER A 308 -0.37 -2.57 -30.43
CA SER A 308 -0.94 -3.91 -30.48
C SER A 308 -1.39 -4.23 -31.89
N GLY A 309 -2.02 -3.27 -32.58
CA GLY A 309 -2.30 -3.42 -34.00
C GLY A 309 -1.06 -3.71 -34.81
N LEU A 310 -0.06 -2.82 -34.73
CA LEU A 310 1.14 -2.97 -35.53
C LEU A 310 1.82 -4.30 -35.28
N ALA A 311 1.75 -4.80 -34.05
CA ALA A 311 2.44 -6.03 -33.73
C ALA A 311 1.78 -7.22 -34.41
N ALA A 312 0.45 -7.24 -34.43
CA ALA A 312 -0.27 -8.33 -35.08
C ALA A 312 -0.11 -8.25 -36.59
N ALA A 313 -0.42 -7.09 -37.18
CA ALA A 313 -0.22 -6.87 -38.60
C ALA A 313 1.13 -7.40 -39.04
N ARG A 314 2.18 -7.03 -38.33
CA ARG A 314 3.51 -7.45 -38.74
C ARG A 314 3.64 -8.97 -38.68
N GLN A 315 3.04 -9.59 -37.67
CA GLN A 315 3.08 -11.04 -37.56
C GLN A 315 2.21 -11.71 -38.62
N LEU A 316 1.01 -11.14 -38.86
CA LEU A 316 0.07 -11.73 -39.81
C LEU A 316 0.61 -11.64 -41.22
N GLN A 317 1.11 -10.46 -41.61
CA GLN A 317 1.83 -10.37 -42.86
C GLN A 317 2.93 -11.41 -42.94
N SER A 318 3.73 -11.55 -41.88
CA SER A 318 4.85 -12.48 -41.97
C SER A 318 4.40 -13.93 -42.11
N PHE A 319 3.13 -14.22 -41.85
CA PHE A 319 2.58 -15.55 -42.03
C PHE A 319 1.95 -15.72 -43.42
N GLY A 320 2.12 -14.74 -44.29
CA GLY A 320 1.52 -14.80 -45.61
C GLY A 320 0.05 -14.45 -45.66
N MET A 321 -0.45 -13.58 -44.79
CA MET A 321 -1.82 -13.14 -44.95
C MET A 321 -1.82 -11.73 -45.50
N ASP A 322 -2.93 -11.37 -46.14
CA ASP A 322 -3.15 -10.01 -46.60
C ASP A 322 -3.74 -9.22 -45.46
N VAL A 323 -3.00 -8.21 -45.01
CA VAL A 323 -3.33 -7.46 -43.81
C VAL A 323 -3.41 -5.99 -44.19
N THR A 324 -4.48 -5.34 -43.78
CA THR A 324 -4.60 -3.89 -43.86
C THR A 324 -5.05 -3.34 -42.51
N LEU A 325 -4.40 -2.26 -42.10
CA LEU A 325 -4.73 -1.57 -40.86
C LEU A 325 -5.47 -0.28 -41.17
N LEU A 326 -6.57 -0.03 -40.47
CA LEU A 326 -7.31 1.22 -40.56
C LEU A 326 -7.05 2.00 -39.28
N GLU A 327 -6.70 3.27 -39.44
CA GLU A 327 -6.16 4.08 -38.37
C GLU A 327 -6.77 5.48 -38.44
N ALA A 328 -7.46 5.89 -37.37
CA ALA A 328 -8.21 7.15 -37.41
C ALA A 328 -7.29 8.36 -37.46
N ARG A 329 -6.17 8.30 -36.74
CA ARG A 329 -5.21 9.40 -36.66
C ARG A 329 -4.41 9.51 -37.97
N ASP A 330 -3.68 10.61 -38.08
CA ASP A 330 -2.69 10.79 -39.13
C ASP A 330 -1.31 10.25 -38.75
N ARG A 331 -1.24 9.30 -37.81
CA ARG A 331 0.04 8.75 -37.42
C ARG A 331 -0.18 7.37 -36.80
N VAL A 332 0.86 6.55 -36.83
CA VAL A 332 0.80 5.27 -36.13
C VAL A 332 1.06 5.48 -34.64
N GLY A 333 1.04 4.39 -33.86
CA GLY A 333 1.46 4.42 -32.47
C GLY A 333 0.34 4.56 -31.47
N GLY A 334 -0.73 5.22 -31.84
CA GLY A 334 -1.81 5.34 -30.87
C GLY A 334 -1.33 6.09 -29.64
N ARG A 335 -1.54 5.45 -28.50
CA ARG A 335 -1.13 5.98 -27.20
C ARG A 335 0.35 5.96 -27.01
N VAL A 336 1.14 5.58 -27.99
CA VAL A 336 2.55 5.91 -28.05
C VAL A 336 2.65 7.13 -28.96
N ALA A 337 2.85 8.30 -28.34
CA ALA A 337 2.73 9.58 -29.02
C ALA A 337 3.90 10.46 -28.59
N THR A 338 4.79 10.77 -29.52
CA THR A 338 5.99 11.53 -29.23
C THR A 338 5.91 12.92 -29.84
N PHE A 339 6.00 13.94 -28.98
CA PHE A 339 6.12 15.31 -29.45
C PHE A 339 7.53 15.53 -30.02
N ARG A 340 7.60 16.24 -31.15
CA ARG A 340 8.88 16.59 -31.78
C ARG A 340 8.74 17.95 -32.43
N LYS A 341 9.41 18.95 -31.87
CA LYS A 341 9.64 20.24 -32.50
C LYS A 341 11.13 20.52 -32.35
N GLY A 342 11.77 21.01 -33.42
CA GLY A 342 13.21 21.14 -33.47
C GLY A 342 13.95 19.96 -32.86
N ASN A 343 14.80 20.24 -31.86
CA ASN A 343 15.56 19.26 -31.10
C ASN A 343 14.85 18.85 -29.82
N TYR A 344 13.69 19.42 -29.54
CA TYR A 344 12.88 18.95 -28.43
C TYR A 344 12.25 17.61 -28.81
N VAL A 345 12.32 16.66 -27.87
CA VAL A 345 11.74 15.32 -28.01
C VAL A 345 11.14 14.95 -26.67
N ALA A 346 9.82 14.90 -26.59
CA ALA A 346 9.14 14.62 -25.33
C ALA A 346 7.91 13.79 -25.63
N ASP A 347 7.57 12.89 -24.73
CA ASP A 347 6.66 11.82 -25.07
C ASP A 347 5.37 12.02 -24.28
N LEU A 348 4.27 12.25 -25.00
CA LEU A 348 2.96 12.45 -24.42
C LEU A 348 2.28 11.15 -24.04
N GLY A 349 2.82 10.00 -24.46
CA GLY A 349 2.19 8.73 -24.23
C GLY A 349 3.04 7.90 -23.31
N ALA A 350 3.20 6.62 -23.57
CA ALA A 350 4.14 5.83 -22.78
C ALA A 350 5.53 6.47 -22.77
N MET A 351 6.15 6.54 -21.58
CA MET A 351 7.52 7.03 -21.42
C MET A 351 8.52 5.97 -21.02
N VAL A 352 8.11 4.95 -20.28
CA VAL A 352 9.07 4.10 -19.61
C VAL A 352 8.91 2.67 -20.11
N VAL A 353 10.04 1.99 -20.19
CA VAL A 353 10.09 0.55 -20.47
C VAL A 353 10.23 -0.05 -19.08
N THR A 354 9.47 -1.06 -18.74
CA THR A 354 9.50 -1.45 -17.33
C THR A 354 10.56 -2.48 -17.00
N GLY A 355 11.76 -2.39 -17.55
CA GLY A 355 12.75 -3.38 -17.08
C GLY A 355 12.80 -4.54 -18.01
N LEU A 356 14.01 -4.89 -18.43
CA LEU A 356 14.21 -5.89 -19.49
C LEU A 356 14.16 -7.32 -18.99
N GLY A 357 13.98 -7.56 -17.70
CA GLY A 357 14.01 -8.97 -17.32
C GLY A 357 12.72 -9.61 -17.71
N GLY A 358 12.75 -10.37 -18.80
CA GLY A 358 11.54 -11.03 -19.30
C GLY A 358 10.70 -10.09 -20.13
N ASN A 359 11.23 -8.96 -20.52
CA ASN A 359 10.43 -7.99 -21.28
C ASN A 359 10.69 -8.17 -22.77
N PRO A 360 9.66 -8.24 -23.61
CA PRO A 360 9.84 -8.33 -25.05
C PRO A 360 10.47 -7.05 -25.59
N MET A 361 10.15 -5.90 -25.02
CA MET A 361 10.75 -4.63 -25.47
C MET A 361 12.26 -4.71 -25.50
N ALA A 362 12.86 -5.57 -24.68
CA ALA A 362 14.32 -5.77 -24.74
C ALA A 362 14.65 -6.12 -26.17
N VAL A 363 13.99 -7.17 -26.68
CA VAL A 363 14.17 -7.62 -28.07
C VAL A 363 13.93 -6.45 -29.00
N VAL A 364 12.83 -5.74 -28.85
CA VAL A 364 12.56 -4.63 -29.75
C VAL A 364 13.72 -3.64 -29.73
N SER A 365 14.28 -3.40 -28.55
CA SER A 365 15.35 -2.40 -28.41
C SER A 365 16.64 -2.84 -29.07
N LYS A 366 16.82 -4.14 -29.30
CA LYS A 366 17.96 -4.57 -30.11
C LYS A 366 17.67 -4.41 -31.61
N GLN A 367 16.40 -4.53 -32.02
CA GLN A 367 16.05 -4.40 -33.42
C GLN A 367 15.86 -2.96 -33.84
N VAL A 368 15.48 -2.09 -32.91
CA VAL A 368 15.30 -0.67 -33.17
C VAL A 368 16.36 0.09 -32.38
N ASN A 369 16.71 1.28 -32.88
CA ASN A 369 17.57 2.18 -32.11
C ASN A 369 16.70 2.96 -31.14
N MET A 370 16.43 2.34 -30.00
CA MET A 370 15.93 3.08 -28.85
C MET A 370 17.14 3.39 -27.99
N GLU A 371 17.24 4.64 -27.58
CA GLU A 371 18.30 5.05 -26.68
C GLU A 371 17.72 4.95 -25.28
N LEU A 372 18.02 3.85 -24.58
CA LEU A 372 17.39 3.57 -23.29
C LEU A 372 18.27 4.05 -22.14
N ALA A 373 17.66 4.77 -21.22
CA ALA A 373 18.33 5.44 -20.12
C ALA A 373 17.60 5.06 -18.83
N LYS A 374 18.36 4.60 -17.84
CA LYS A 374 17.76 4.14 -16.59
C LYS A 374 17.12 5.31 -15.83
N ILE A 375 16.13 5.00 -15.02
CA ILE A 375 15.49 6.00 -14.16
C ILE A 375 16.01 5.76 -12.75
N LYS A 376 16.76 6.72 -12.21
CA LYS A 376 17.25 6.60 -10.85
C LYS A 376 16.08 6.77 -9.89
N GLN A 377 15.92 5.82 -8.97
CA GLN A 377 14.73 5.78 -8.12
C GLN A 377 14.61 7.01 -7.19
N LYS A 378 15.63 7.88 -7.13
CA LYS A 378 15.60 9.01 -6.21
C LYS A 378 14.46 9.95 -6.57
N CYS A 379 13.78 10.51 -5.55
CA CYS A 379 12.72 11.49 -5.80
C CYS A 379 12.58 12.49 -4.66
N PRO A 380 13.20 13.66 -4.78
CA PRO A 380 13.08 14.71 -3.76
C PRO A 380 11.70 15.36 -3.77
N LEU A 381 11.00 15.29 -2.63
CA LEU A 381 9.80 16.10 -2.45
C LEU A 381 10.09 17.58 -2.23
N TYR A 382 9.05 18.37 -2.49
CA TYR A 382 8.99 19.79 -2.16
C TYR A 382 7.52 20.08 -1.92
N GLU A 383 7.20 20.73 -0.82
CA GLU A 383 5.81 20.98 -0.48
C GLU A 383 5.35 22.33 -1.04
N ALA A 384 4.10 22.69 -0.73
CA ALA A 384 3.41 23.73 -1.47
C ALA A 384 4.16 25.06 -1.44
N ASN A 385 4.91 25.32 -0.37
CA ASN A 385 5.73 26.53 -0.30
C ASN A 385 6.87 26.47 -1.32
N GLY A 386 7.52 25.33 -1.46
CA GLY A 386 8.64 25.17 -2.38
C GLY A 386 9.92 24.75 -1.70
N GLN A 387 9.82 24.31 -0.45
CA GLN A 387 10.99 23.94 0.33
C GLN A 387 10.97 22.44 0.55
N ALA A 388 12.15 21.83 0.47
CA ALA A 388 12.24 20.37 0.48
C ALA A 388 11.60 19.80 1.73
N VAL A 389 11.18 18.55 1.62
CA VAL A 389 10.63 17.88 2.80
C VAL A 389 11.79 17.29 3.59
N PRO A 390 11.89 17.59 4.88
CA PRO A 390 12.98 17.05 5.70
C PRO A 390 13.09 15.55 5.56
N LYS A 391 14.31 15.07 5.30
CA LYS A 391 14.58 13.65 5.11
C LYS A 391 14.07 12.79 6.25
N GLU A 392 13.76 13.40 7.40
CA GLU A 392 13.12 12.67 8.49
C GLU A 392 11.74 12.23 8.07
N LYS A 393 11.00 13.17 7.47
CA LYS A 393 9.60 13.02 7.07
C LYS A 393 9.46 12.19 5.81
N ASP A 394 10.08 12.67 4.72
CA ASP A 394 10.12 11.96 3.44
C ASP A 394 10.28 10.48 3.68
N GLU A 395 11.13 10.12 4.65
CA GLU A 395 11.32 8.71 4.96
C GLU A 395 10.17 8.13 5.77
N MET A 396 9.61 8.90 6.71
CA MET A 396 8.65 8.20 7.56
C MET A 396 7.26 8.19 6.95
N VAL A 397 6.92 9.21 6.16
CA VAL A 397 5.63 9.21 5.48
C VAL A 397 5.60 8.13 4.41
N GLU A 398 6.59 8.15 3.51
CA GLU A 398 6.80 7.06 2.57
C GLU A 398 6.64 5.70 3.24
N GLN A 399 7.31 5.50 4.38
CA GLN A 399 7.19 4.23 5.09
C GLN A 399 5.75 3.98 5.51
N GLU A 400 5.02 5.03 5.89
CA GLU A 400 3.64 4.85 6.32
C GLU A 400 2.75 4.49 5.14
N PHE A 401 2.92 5.20 4.03
CA PHE A 401 2.23 4.85 2.79
C PHE A 401 2.39 3.37 2.47
N ASN A 402 3.64 2.89 2.45
CA ASN A 402 3.92 1.49 2.14
C ASN A 402 3.23 0.56 3.13
N ARG A 403 3.07 0.99 4.38
CA ARG A 403 2.43 0.09 5.34
C ARG A 403 0.92 0.19 5.24
N LEU A 404 0.42 1.38 4.98
CA LEU A 404 -0.99 1.54 4.65
C LEU A 404 -1.39 0.65 3.47
N LEU A 405 -0.52 0.54 2.45
CA LEU A 405 -0.81 -0.39 1.36
C LEU A 405 -0.87 -1.81 1.88
N GLU A 406 0.25 -2.31 2.43
CA GLU A 406 0.29 -3.67 2.97
C GLU A 406 -0.89 -3.91 3.90
N ALA A 407 -1.31 -2.88 4.64
CA ALA A 407 -2.50 -2.96 5.48
C ALA A 407 -3.75 -3.32 4.67
N THR A 408 -4.04 -2.53 3.61
CA THR A 408 -5.21 -2.81 2.77
C THR A 408 -5.17 -4.23 2.24
N SER A 409 -3.98 -4.66 1.79
CA SER A 409 -3.81 -6.02 1.31
C SER A 409 -4.21 -7.03 2.38
N TYR A 410 -3.92 -6.71 3.66
CA TYR A 410 -4.29 -7.60 4.75
C TYR A 410 -5.80 -7.57 5.00
N LEU A 411 -6.44 -6.39 4.99
CA LEU A 411 -7.91 -6.38 5.02
C LEU A 411 -8.50 -7.16 3.88
N SER A 412 -7.83 -7.11 2.74
CA SER A 412 -8.41 -7.81 1.59
C SER A 412 -8.29 -9.31 1.80
N HIS A 413 -7.07 -9.83 1.75
CA HIS A 413 -6.86 -11.29 1.84
C HIS A 413 -7.16 -11.92 3.21
N GLN A 414 -6.71 -11.33 4.31
CA GLN A 414 -6.91 -12.05 5.59
C GLN A 414 -8.21 -11.69 6.30
N LEU A 415 -8.86 -10.59 5.95
CA LEU A 415 -10.11 -10.29 6.67
C LEU A 415 -11.29 -10.32 5.71
N ASP A 416 -11.02 -10.53 4.43
CA ASP A 416 -12.07 -10.58 3.38
C ASP A 416 -12.97 -9.36 3.47
N PHE A 417 -12.39 -8.17 3.55
CA PHE A 417 -13.19 -6.93 3.58
C PHE A 417 -13.37 -6.48 2.14
N ASN A 418 -14.13 -7.21 1.33
CA ASN A 418 -14.24 -6.82 -0.09
C ASN A 418 -15.66 -6.43 -0.48
N VAL A 419 -16.58 -6.33 0.46
CA VAL A 419 -17.96 -5.92 0.12
C VAL A 419 -18.46 -5.06 1.28
N LEU A 420 -19.09 -3.92 0.99
CA LEU A 420 -19.56 -3.01 2.04
C LEU A 420 -20.90 -2.47 1.57
N ASN A 421 -21.99 -2.77 2.28
CA ASN A 421 -23.34 -2.38 1.87
C ASN A 421 -23.62 -2.78 0.42
N ASN A 422 -23.34 -4.05 0.09
CA ASN A 422 -23.65 -4.69 -1.20
C ASN A 422 -22.80 -4.17 -2.35
N LYS A 423 -21.77 -3.37 -2.11
CA LYS A 423 -20.97 -2.77 -3.17
C LYS A 423 -19.52 -3.23 -3.05
N PRO A 424 -18.80 -3.33 -4.15
CA PRO A 424 -17.38 -3.73 -4.07
C PRO A 424 -16.60 -2.68 -3.31
N VAL A 425 -15.63 -3.12 -2.52
CA VAL A 425 -14.79 -2.18 -1.80
C VAL A 425 -13.68 -1.71 -2.70
N SER A 426 -13.47 -0.40 -2.74
CA SER A 426 -12.37 0.15 -3.51
C SER A 426 -11.12 0.26 -2.65
N LEU A 427 -9.96 0.35 -3.31
CA LEU A 427 -8.73 0.66 -2.61
C LEU A 427 -8.89 1.92 -1.76
N GLY A 428 -9.43 2.99 -2.36
CA GLY A 428 -9.62 4.23 -1.63
C GLY A 428 -10.37 4.09 -0.32
N GLN A 429 -11.48 3.36 -0.32
CA GLN A 429 -12.21 3.13 0.93
C GLN A 429 -11.33 2.39 1.92
N ALA A 430 -10.76 1.26 1.49
CA ALA A 430 -9.90 0.47 2.35
C ALA A 430 -8.78 1.30 2.94
N LEU A 431 -8.23 2.25 2.17
CA LEU A 431 -7.22 3.15 2.72
C LEU A 431 -7.81 4.07 3.79
N GLU A 432 -8.99 4.64 3.54
CA GLU A 432 -9.59 5.47 4.57
C GLU A 432 -9.90 4.65 5.81
N VAL A 433 -10.43 3.43 5.64
CA VAL A 433 -10.64 2.56 6.79
C VAL A 433 -9.34 2.33 7.57
N VAL A 434 -8.24 2.05 6.88
CA VAL A 434 -7.00 1.80 7.61
C VAL A 434 -6.53 3.07 8.32
N ILE A 435 -6.58 4.21 7.63
CA ILE A 435 -6.15 5.45 8.29
C ILE A 435 -7.03 5.74 9.50
N GLN A 436 -8.34 5.50 9.41
CA GLN A 436 -9.18 5.76 10.56
C GLN A 436 -8.86 4.83 11.72
N LEU A 437 -8.72 3.54 11.46
CA LEU A 437 -8.27 2.62 12.51
C LEU A 437 -6.90 2.97 13.04
N GLN A 438 -6.05 3.64 12.25
CA GLN A 438 -4.78 4.06 12.82
C GLN A 438 -4.93 5.34 13.64
N GLU A 439 -5.82 6.26 13.26
CA GLU A 439 -6.15 7.35 14.17
C GLU A 439 -6.86 6.82 15.40
N LYS A 440 -7.79 5.87 15.23
CA LYS A 440 -8.54 5.37 16.38
C LYS A 440 -7.60 4.76 17.41
N HIS A 441 -6.57 4.09 16.95
CA HIS A 441 -5.64 3.47 17.88
C HIS A 441 -4.82 4.53 18.60
N VAL A 442 -4.31 5.53 17.88
CA VAL A 442 -3.63 6.68 18.50
C VAL A 442 -4.46 7.25 19.64
N LYS A 443 -5.76 7.40 19.43
CA LYS A 443 -6.64 7.90 20.49
C LYS A 443 -6.77 6.90 21.62
N ASP A 444 -7.12 5.65 21.32
CA ASP A 444 -7.21 4.62 22.35
C ASP A 444 -5.92 4.53 23.16
N GLU A 445 -4.78 4.79 22.52
CA GLU A 445 -3.50 4.70 23.20
C GLU A 445 -3.35 5.80 24.22
N GLN A 446 -3.80 7.01 23.88
CA GLN A 446 -3.75 8.08 24.87
C GLN A 446 -4.75 7.83 26.00
N ILE A 447 -5.94 7.33 25.66
CA ILE A 447 -6.94 7.10 26.70
C ILE A 447 -6.39 6.13 27.75
N GLU A 448 -5.85 4.98 27.33
CA GLU A 448 -5.36 4.03 28.33
C GLU A 448 -4.18 4.60 29.12
N HIS A 449 -3.44 5.54 28.54
CA HIS A 449 -2.27 6.09 29.20
C HIS A 449 -2.65 7.09 30.26
N TRP A 450 -3.47 8.09 29.92
CA TRP A 450 -3.96 9.00 30.94
C TRP A 450 -4.84 8.28 31.96
N LYS A 451 -5.49 7.18 31.56
CA LYS A 451 -6.20 6.35 32.53
C LYS A 451 -5.25 5.58 33.43
N LYS A 452 -3.95 5.57 33.13
CA LYS A 452 -2.93 5.12 34.07
C LYS A 452 -2.48 6.23 34.99
N ILE A 453 -2.54 7.48 34.58
CA ILE A 453 -2.28 8.56 35.51
C ILE A 453 -3.43 8.70 36.52
N VAL A 454 -4.68 8.66 36.05
CA VAL A 454 -5.78 8.76 37.02
C VAL A 454 -5.80 7.54 37.97
N LYS A 455 -5.50 6.32 37.49
CA LYS A 455 -5.56 5.17 38.41
C LYS A 455 -4.59 5.36 39.56
N THR A 456 -3.49 6.09 39.35
CA THR A 456 -2.55 6.32 40.44
C THR A 456 -2.70 7.69 41.08
N GLN A 457 -3.20 8.70 40.37
CA GLN A 457 -3.51 9.95 41.05
C GLN A 457 -4.58 9.75 42.12
N GLU A 458 -5.57 8.88 41.86
CA GLU A 458 -6.49 8.51 42.93
C GLU A 458 -5.86 7.57 43.95
N GLU A 459 -4.92 6.71 43.53
CA GLU A 459 -4.20 5.92 44.53
C GLU A 459 -3.37 6.83 45.43
N LEU A 460 -2.85 7.92 44.89
CA LEU A 460 -2.17 8.92 45.70
C LEU A 460 -3.17 9.61 46.63
N LYS A 461 -4.18 10.28 46.05
CA LYS A 461 -5.23 10.95 46.83
C LYS A 461 -5.67 10.11 48.03
N GLU A 462 -5.95 8.82 47.80
CA GLU A 462 -6.35 7.94 48.89
C GLU A 462 -5.23 7.77 49.92
N LEU A 463 -3.98 7.75 49.47
CA LEU A 463 -2.87 7.62 50.42
C LEU A 463 -2.79 8.87 51.30
N LEU A 464 -2.82 10.02 50.66
CA LEU A 464 -2.68 11.30 51.41
C LEU A 464 -3.83 11.41 52.38
N ASN A 465 -4.96 10.82 52.05
CA ASN A 465 -6.07 10.89 53.03
C ASN A 465 -5.61 10.12 54.27
N LYS A 466 -5.02 8.96 54.08
CA LYS A 466 -4.51 8.23 55.25
C LYS A 466 -3.46 9.09 55.93
N MET A 467 -2.55 9.66 55.16
CA MET A 467 -1.47 10.48 55.75
C MET A 467 -2.07 11.61 56.56
N VAL A 468 -2.93 12.41 55.96
CA VAL A 468 -3.51 13.56 56.70
C VAL A 468 -4.26 13.08 57.94
N ASN A 469 -5.03 12.02 57.85
CA ASN A 469 -5.75 11.56 59.06
C ASN A 469 -4.74 11.10 60.09
N LEU A 470 -3.70 10.39 59.66
CA LEU A 470 -2.71 9.92 60.65
C LEU A 470 -2.07 11.12 61.34
N LYS A 471 -1.70 12.13 60.58
CA LYS A 471 -1.03 13.32 61.17
C LYS A 471 -1.93 13.91 62.25
N GLU A 472 -3.22 14.06 61.98
CA GLU A 472 -4.14 14.56 63.00
C GLU A 472 -4.04 13.68 64.24
N LYS A 473 -4.11 12.36 64.08
CA LYS A 473 -4.05 11.46 65.25
C LYS A 473 -2.76 11.73 66.01
N ILE A 474 -1.65 11.85 65.31
CA ILE A 474 -0.37 12.17 65.91
C ILE A 474 -0.33 13.60 66.45
N LYS A 475 -1.21 14.50 66.00
CA LYS A 475 -1.35 15.77 66.69
C LYS A 475 -1.89 15.58 68.10
N GLU A 476 -2.91 14.75 68.23
CA GLU A 476 -3.54 14.51 69.54
C GLU A 476 -2.60 13.75 70.46
N LEU A 477 -2.01 12.66 69.98
CA LEU A 477 -1.18 11.81 70.86
C LEU A 477 -0.03 12.61 71.43
N HIS A 478 0.60 13.46 70.64
CA HIS A 478 1.71 14.26 71.18
C HIS A 478 1.16 15.14 72.30
N GLN A 479 0.00 15.76 72.11
CA GLN A 479 -0.54 16.58 73.21
C GLN A 479 -0.82 15.65 74.39
N GLN A 480 -1.43 14.51 74.14
CA GLN A 480 -1.74 13.61 75.27
C GLN A 480 -0.44 13.17 75.93
N TYR A 481 0.57 12.82 75.15
CA TYR A 481 1.83 12.37 75.77
C TYR A 481 2.41 13.51 76.57
N LYS A 482 2.39 14.72 76.03
CA LYS A 482 2.99 15.85 76.78
C LYS A 482 2.24 16.01 78.09
N GLU A 483 0.92 15.98 78.06
CA GLU A 483 0.15 16.19 79.30
C GLU A 483 0.48 15.07 80.29
N ALA A 484 0.56 13.84 79.83
CA ALA A 484 0.93 12.76 80.76
C ALA A 484 2.37 12.98 81.22
N SER A 485 3.24 13.40 80.30
CA SER A 485 4.65 13.66 80.64
C SER A 485 4.76 14.82 81.61
N GLU A 486 3.89 15.83 81.49
CA GLU A 486 3.96 17.01 82.38
C GLU A 486 3.71 16.64 83.84
N VAL A 487 2.97 15.56 84.12
CA VAL A 487 2.77 15.26 85.57
C VAL A 487 4.15 14.93 86.09
N LYS A 488 4.66 15.69 87.04
CA LYS A 488 6.03 15.44 87.48
C LYS A 488 6.08 14.26 88.43
N PRO A 489 7.20 13.51 88.43
CA PRO A 489 7.38 12.38 89.30
C PRO A 489 7.58 12.87 90.74
N PRO A 490 7.21 12.09 91.74
CA PRO A 490 7.15 10.64 91.62
C PRO A 490 5.69 10.32 91.38
N ARG A 491 5.43 9.44 90.42
CA ARG A 491 4.02 9.14 90.11
C ARG A 491 3.72 7.70 90.43
N ASP A 492 2.43 7.38 90.52
CA ASP A 492 1.97 6.01 90.75
C ASP A 492 1.97 5.26 89.42
N ILE A 493 1.84 3.93 89.45
CA ILE A 493 2.36 3.23 88.27
C ILE A 493 1.40 3.40 87.10
N THR A 494 0.12 3.66 87.35
CA THR A 494 -0.79 3.89 86.22
C THR A 494 -0.38 5.14 85.45
N ALA A 495 -0.10 6.23 86.16
CA ALA A 495 0.42 7.43 85.53
C ALA A 495 1.77 7.20 84.86
N GLU A 496 2.51 6.16 85.27
CA GLU A 496 3.75 5.84 84.58
C GLU A 496 3.45 5.04 83.31
N PHE A 497 2.51 4.09 83.41
CA PHE A 497 1.99 3.41 82.23
C PHE A 497 1.53 4.41 81.18
N LEU A 498 0.88 5.49 81.60
CA LEU A 498 0.30 6.44 80.66
C LEU A 498 1.38 7.11 79.83
N VAL A 499 2.47 7.54 80.45
CA VAL A 499 3.57 8.10 79.65
C VAL A 499 4.17 7.03 78.76
N LYS A 500 4.58 5.89 79.36
CA LYS A 500 5.15 4.80 78.59
C LYS A 500 4.22 4.36 77.45
N SER A 501 2.92 4.25 77.72
CA SER A 501 1.94 3.83 76.72
C SER A 501 1.84 4.83 75.58
N LYS A 502 1.26 6.02 75.83
CA LYS A 502 1.23 7.09 74.84
C LYS A 502 2.52 7.16 74.05
N HIS A 503 3.66 6.96 74.70
CA HIS A 503 4.93 7.09 73.98
C HIS A 503 5.05 6.05 72.89
N ARG A 504 4.82 4.78 73.25
CA ARG A 504 4.87 3.73 72.24
C ARG A 504 3.74 3.89 71.22
N ASP A 505 2.52 4.15 71.70
CA ASP A 505 1.39 4.40 70.79
C ASP A 505 1.72 5.48 69.76
N LEU A 506 2.55 6.44 70.12
CA LEU A 506 2.88 7.52 69.21
C LEU A 506 4.06 7.17 68.31
N THR A 507 5.01 6.35 68.79
CA THR A 507 6.06 5.90 67.89
C THR A 507 5.53 4.88 66.88
N ALA A 508 4.45 4.18 67.20
CA ALA A 508 3.80 3.30 66.24
C ALA A 508 3.12 4.13 65.14
N LEU A 509 2.25 5.06 65.52
CA LEU A 509 1.65 5.95 64.53
C LEU A 509 2.71 6.76 63.81
N CYS A 510 3.82 7.08 64.48
CA CYS A 510 4.92 7.72 63.77
C CYS A 510 5.65 6.75 62.84
N LYS A 511 5.42 5.45 63.00
CA LYS A 511 5.99 4.47 62.08
C LYS A 511 5.15 4.33 60.82
N GLU A 512 3.83 4.20 60.97
CA GLU A 512 2.95 4.10 59.80
C GLU A 512 3.05 5.33 58.92
N TYR A 513 3.03 6.52 59.51
CA TYR A 513 3.16 7.72 58.69
C TYR A 513 4.48 7.74 57.93
N ASP A 514 5.45 6.93 58.33
CA ASP A 514 6.68 6.89 57.55
C ASP A 514 6.64 5.83 56.46
N GLU A 515 6.17 4.61 56.79
CA GLU A 515 5.89 3.60 55.75
C GLU A 515 4.94 4.13 54.70
N LEU A 516 4.08 5.09 55.06
CA LEU A 516 3.25 5.75 54.07
C LEU A 516 4.04 6.75 53.26
N ALA A 517 5.06 7.38 53.82
CA ALA A 517 5.72 8.41 53.01
C ALA A 517 6.76 7.83 52.07
N GLU A 518 7.01 6.54 52.26
CA GLU A 518 7.86 5.82 51.30
C GLU A 518 6.94 5.75 50.10
N THR A 519 5.77 5.17 50.35
CA THR A 519 4.72 4.99 49.33
C THR A 519 4.42 6.30 48.62
N GLN A 520 4.29 7.42 49.33
CA GLN A 520 4.07 8.69 48.62
C GLN A 520 5.24 8.92 47.68
N GLY A 521 6.47 8.75 48.14
CA GLY A 521 7.60 8.96 47.23
C GLY A 521 7.54 8.02 46.04
N LYS A 522 7.25 6.75 46.27
CA LYS A 522 7.22 5.76 45.16
C LYS A 522 6.14 6.11 44.13
N LEU A 523 5.01 6.66 44.54
CA LEU A 523 3.95 6.99 43.55
C LEU A 523 4.29 8.33 42.94
N GLU A 524 5.02 9.15 43.67
CA GLU A 524 5.31 10.49 43.12
C GLU A 524 6.25 10.35 41.93
N GLU A 525 7.17 9.39 41.96
CA GLU A 525 8.06 9.20 40.79
C GLU A 525 7.23 8.55 39.68
N LYS A 526 6.48 7.51 40.02
CA LYS A 526 5.63 6.79 39.03
C LYS A 526 4.76 7.80 38.31
N LEU A 527 4.08 8.69 39.03
CA LEU A 527 3.26 9.74 38.37
C LEU A 527 4.19 10.55 37.47
N GLN A 528 5.34 10.98 37.97
CA GLN A 528 6.26 11.78 37.13
C GLN A 528 6.67 10.96 35.91
N GLU A 529 6.98 9.69 36.10
CA GLU A 529 7.39 8.81 34.99
C GLU A 529 6.37 8.88 33.85
N LEU A 530 5.09 8.63 34.14
CA LEU A 530 4.16 8.54 33.03
C LEU A 530 4.06 9.88 32.30
N GLU A 531 3.98 11.00 33.03
CA GLU A 531 3.99 12.31 32.37
C GLU A 531 5.16 12.46 31.41
N ALA A 532 6.22 11.67 31.58
CA ALA A 532 7.47 11.87 30.85
C ALA A 532 7.56 11.03 29.58
N ASN A 533 6.79 9.95 29.45
CA ASN A 533 6.74 9.17 28.21
C ASN A 533 5.35 9.16 27.57
N PRO A 534 4.76 10.33 27.30
CA PRO A 534 3.42 10.36 26.71
C PRO A 534 3.45 9.79 25.31
N PRO A 535 2.44 8.97 24.94
CA PRO A 535 2.45 8.36 23.60
C PRO A 535 2.38 9.38 22.47
N SER A 536 2.30 8.89 21.24
CA SER A 536 2.19 9.76 20.07
C SER A 536 0.98 10.67 20.19
N ASP A 537 1.21 11.97 19.96
CA ASP A 537 0.17 12.97 20.07
C ASP A 537 -0.90 12.80 18.98
N VAL A 538 -0.47 12.51 17.75
CA VAL A 538 -1.32 12.34 16.59
C VAL A 538 -0.96 11.05 15.88
N TYR A 539 -1.80 10.66 14.92
CA TYR A 539 -1.35 9.71 13.90
C TYR A 539 -0.55 10.43 12.83
N LEU A 540 -1.16 11.44 12.21
CA LEU A 540 -0.56 12.19 11.12
C LEU A 540 -1.17 13.58 11.17
N SER A 541 -0.31 14.59 11.21
CA SER A 541 -0.75 15.97 11.19
C SER A 541 -1.18 16.37 9.79
N SER A 542 -1.85 17.52 9.67
CA SER A 542 -2.24 18.00 8.36
C SER A 542 -1.02 18.30 7.48
N ARG A 543 0.07 18.76 8.10
CA ARG A 543 1.37 18.76 7.44
C ARG A 543 1.66 17.40 6.80
N ASP A 544 1.47 16.32 7.56
CA ASP A 544 1.88 14.97 7.18
C ASP A 544 0.96 14.43 6.10
N ARG A 545 -0.32 14.34 6.47
CA ARG A 545 -1.40 13.83 5.59
C ARG A 545 -1.30 14.50 4.24
N GLN A 546 -0.81 15.72 4.19
CA GLN A 546 -0.58 16.36 2.89
C GLN A 546 0.52 15.65 2.12
N ILE A 547 1.59 15.26 2.79
CA ILE A 547 2.67 14.57 2.09
C ILE A 547 2.25 13.15 1.77
N LEU A 548 1.44 12.53 2.63
CA LEU A 548 0.92 11.22 2.31
C LEU A 548 0.02 11.30 1.09
N ASP A 549 -0.69 12.43 0.93
CA ASP A 549 -1.53 12.60 -0.25
C ASP A 549 -0.72 12.55 -1.53
N TRP A 550 0.54 12.95 -1.47
CA TRP A 550 1.34 12.92 -2.68
C TRP A 550 1.79 11.50 -3.01
N HIS A 551 1.96 10.65 -2.00
CA HIS A 551 2.20 9.25 -2.29
C HIS A 551 0.99 8.60 -2.91
N PHE A 552 -0.21 9.08 -2.57
CA PHE A 552 -1.41 8.56 -3.19
C PHE A 552 -1.55 9.03 -4.64
N ALA A 553 -1.16 10.27 -4.93
CA ALA A 553 -1.21 10.73 -6.33
C ALA A 553 -0.32 9.87 -7.21
N ASN A 554 0.81 9.42 -6.67
CA ASN A 554 1.66 8.47 -7.40
C ASN A 554 0.91 7.18 -7.68
N LEU A 555 0.24 6.65 -6.67
CA LEU A 555 -0.60 5.48 -6.89
C LEU A 555 -1.72 5.79 -7.88
N GLU A 556 -2.33 6.96 -7.76
CA GLU A 556 -3.35 7.32 -8.72
C GLU A 556 -2.76 7.50 -10.11
N PHE A 557 -1.50 7.91 -10.21
CA PHE A 557 -0.82 7.93 -11.50
C PHE A 557 -0.60 6.53 -12.02
N ALA A 558 -0.05 5.65 -11.19
CA ALA A 558 0.18 4.28 -11.63
C ALA A 558 -1.08 3.62 -12.19
N ASN A 559 -2.24 3.98 -11.66
CA ASN A 559 -3.47 3.35 -12.09
C ASN A 559 -4.28 4.23 -13.00
N ALA A 560 -3.78 5.42 -13.30
CA ALA A 560 -4.51 6.40 -14.08
C ALA A 560 -5.96 6.52 -13.62
N THR A 561 -6.17 6.69 -12.33
CA THR A 561 -7.52 6.85 -11.79
C THR A 561 -7.53 7.16 -10.30
N PRO A 562 -8.50 7.94 -9.82
CA PRO A 562 -8.73 8.02 -8.38
C PRO A 562 -8.87 6.66 -7.69
N LEU A 563 -8.25 6.53 -6.50
CA LEU A 563 -8.26 5.26 -5.78
C LEU A 563 -9.67 4.83 -5.37
N SER A 564 -10.65 5.73 -5.40
CA SER A 564 -12.00 5.31 -5.07
C SER A 564 -12.61 4.40 -6.10
N THR A 565 -11.96 4.27 -7.27
CA THR A 565 -12.44 3.44 -8.36
C THR A 565 -11.74 2.09 -8.44
N LEU A 566 -10.51 1.96 -7.90
CA LEU A 566 -9.73 0.73 -8.03
C LEU A 566 -10.34 -0.40 -7.20
N SER A 567 -10.37 -1.61 -7.75
CA SER A 567 -10.76 -2.77 -6.97
C SER A 567 -9.75 -3.02 -5.86
N LEU A 568 -10.23 -3.05 -4.62
CA LEU A 568 -9.31 -3.31 -3.52
C LEU A 568 -8.66 -4.68 -3.72
N LYS A 569 -9.50 -5.71 -3.97
CA LYS A 569 -8.96 -7.05 -4.14
C LYS A 569 -7.97 -7.10 -5.27
N HIS A 570 -8.32 -6.54 -6.44
CA HIS A 570 -7.62 -6.95 -7.67
C HIS A 570 -6.77 -5.87 -8.33
N TRP A 571 -6.75 -4.65 -7.82
CA TRP A 571 -6.05 -3.58 -8.53
C TRP A 571 -4.62 -3.96 -8.92
N ASP A 572 -3.88 -4.62 -8.05
CA ASP A 572 -2.48 -4.96 -8.30
C ASP A 572 -2.33 -6.42 -8.75
N GLN A 573 -3.40 -7.01 -9.29
CA GLN A 573 -3.42 -8.44 -9.59
C GLN A 573 -2.34 -8.88 -10.58
N ASP A 574 -1.71 -7.96 -11.28
CA ASP A 574 -0.64 -8.35 -12.18
C ASP A 574 0.76 -8.15 -11.56
N ASP A 575 0.86 -7.82 -10.26
CA ASP A 575 2.19 -7.60 -9.66
C ASP A 575 3.09 -8.79 -9.88
N ASP A 576 2.54 -9.98 -9.77
CA ASP A 576 3.41 -11.18 -9.84
C ASP A 576 4.14 -11.28 -11.17
N PHE A 577 3.68 -10.61 -12.22
CA PHE A 577 4.35 -10.83 -13.52
C PHE A 577 5.28 -9.68 -13.87
N GLU A 578 5.51 -8.77 -12.95
CA GLU A 578 6.35 -7.60 -13.29
C GLU A 578 7.75 -8.06 -13.66
N PHE A 579 8.36 -7.41 -14.64
CA PHE A 579 9.73 -7.78 -15.06
C PHE A 579 10.75 -7.30 -14.04
N THR A 580 11.94 -7.86 -14.12
CA THR A 580 13.03 -7.55 -13.21
C THR A 580 14.01 -6.58 -13.86
N GLY A 581 14.44 -5.57 -13.11
CA GLY A 581 15.42 -4.62 -13.59
C GLY A 581 14.97 -3.21 -13.37
N SER A 582 15.86 -2.29 -13.73
CA SER A 582 15.55 -0.88 -13.59
C SER A 582 14.50 -0.51 -14.61
N HIS A 583 13.64 0.42 -14.25
CA HIS A 583 12.81 1.03 -15.27
C HIS A 583 13.66 1.98 -16.12
N LEU A 584 13.24 2.18 -17.37
CA LEU A 584 14.03 2.96 -18.31
C LEU A 584 13.11 3.94 -19.00
N THR A 585 13.69 4.95 -19.65
CA THR A 585 12.93 5.79 -20.58
C THR A 585 13.54 5.68 -21.96
N VAL A 586 12.76 6.08 -22.95
CA VAL A 586 13.22 6.06 -24.32
C VAL A 586 13.63 7.47 -24.63
N ARG A 587 14.92 7.65 -24.80
CA ARG A 587 15.44 9.00 -24.73
C ARG A 587 15.26 9.75 -26.03
N ASN A 588 15.06 9.00 -27.11
CA ASN A 588 14.85 9.60 -28.44
C ASN A 588 13.37 9.53 -28.80
N GLY A 589 12.51 9.26 -27.82
CA GLY A 589 11.07 9.23 -28.07
C GLY A 589 10.61 7.81 -28.28
N TYR A 590 9.43 7.46 -27.76
CA TYR A 590 8.94 6.06 -27.84
C TYR A 590 8.30 5.79 -29.20
N SER A 591 8.08 6.83 -30.00
CA SER A 591 7.43 6.71 -31.31
C SER A 591 8.27 5.84 -32.24
N CYS A 592 9.58 5.96 -32.15
CA CYS A 592 10.51 5.19 -33.00
C CYS A 592 10.11 3.71 -33.05
N VAL A 593 9.46 3.19 -32.02
CA VAL A 593 9.08 1.78 -32.04
C VAL A 593 7.87 1.51 -32.91
N PRO A 594 6.70 2.13 -32.67
CA PRO A 594 5.60 1.93 -33.62
C PRO A 594 5.98 2.27 -35.03
N VAL A 595 6.67 3.40 -35.21
CA VAL A 595 7.06 3.80 -36.56
C VAL A 595 7.92 2.71 -37.20
N ALA A 596 8.85 2.14 -36.45
CA ALA A 596 9.65 1.05 -37.00
C ALA A 596 8.75 -0.12 -37.38
N LEU A 597 7.82 -0.48 -36.50
CA LEU A 597 6.98 -1.65 -36.75
C LEU A 597 6.09 -1.45 -37.96
N ALA A 598 5.72 -0.20 -38.26
CA ALA A 598 4.87 0.09 -39.41
C ALA A 598 5.55 -0.13 -40.75
N GLU A 599 6.86 -0.28 -40.75
CA GLU A 599 7.56 -0.41 -42.04
C GLU A 599 7.03 -1.61 -42.79
N GLY A 600 6.63 -1.40 -44.04
CA GLY A 600 6.17 -2.48 -44.91
C GLY A 600 4.73 -2.86 -44.71
N LEU A 601 3.98 -2.09 -43.96
CA LEU A 601 2.58 -2.51 -43.73
C LEU A 601 1.64 -1.59 -44.48
N ASP A 602 0.48 -2.11 -44.84
CA ASP A 602 -0.56 -1.34 -45.54
C ASP A 602 -1.42 -0.64 -44.50
N ILE A 603 -1.04 0.57 -44.14
CA ILE A 603 -1.79 1.34 -43.17
C ILE A 603 -2.60 2.40 -43.93
N LYS A 604 -3.89 2.47 -43.66
CA LYS A 604 -4.74 3.56 -44.17
C LYS A 604 -4.91 4.58 -43.04
N LEU A 605 -4.17 5.69 -43.10
CA LEU A 605 -4.35 6.69 -42.05
C LEU A 605 -5.58 7.53 -42.33
N ASN A 606 -6.01 8.29 -41.33
CA ASN A 606 -7.16 9.19 -41.46
C ASN A 606 -8.42 8.42 -41.86
N THR A 607 -8.53 7.20 -41.36
CA THR A 607 -9.59 6.30 -41.80
C THR A 607 -10.28 5.87 -40.51
N ALA A 608 -11.41 6.46 -40.18
CA ALA A 608 -12.07 6.15 -38.92
C ALA A 608 -13.07 5.03 -39.16
N VAL A 609 -12.75 3.82 -38.68
CA VAL A 609 -13.78 2.80 -38.69
C VAL A 609 -15.01 3.31 -37.96
N ARG A 610 -16.18 3.08 -38.57
CA ARG A 610 -17.48 3.49 -38.03
C ARG A 610 -18.41 2.29 -37.80
N GLN A 611 -18.26 1.19 -38.53
CA GLN A 611 -19.14 0.06 -38.34
C GLN A 611 -18.37 -1.20 -38.68
N VAL A 612 -18.55 -2.22 -37.85
CA VAL A 612 -17.94 -3.53 -38.05
C VAL A 612 -19.08 -4.53 -38.22
N ARG A 613 -19.12 -5.18 -39.39
CA ARG A 613 -20.10 -6.19 -39.78
C ARG A 613 -19.40 -7.53 -39.91
N TYR A 614 -19.82 -8.51 -39.12
CA TYR A 614 -19.19 -9.84 -39.13
C TYR A 614 -20.32 -10.88 -39.26
N THR A 615 -20.14 -11.80 -40.21
CA THR A 615 -21.15 -12.80 -40.50
C THR A 615 -20.44 -14.09 -40.85
N ALA A 616 -21.22 -15.19 -40.90
CA ALA A 616 -20.63 -16.50 -41.11
C ALA A 616 -19.76 -16.53 -42.36
N SER A 617 -20.11 -15.78 -43.37
CA SER A 617 -19.35 -15.78 -44.60
C SER A 617 -18.13 -14.86 -44.57
N GLY A 618 -18.06 -13.92 -43.62
CA GLY A 618 -16.92 -13.03 -43.52
C GLY A 618 -17.34 -11.67 -42.96
N CYS A 619 -16.49 -10.67 -43.20
CA CYS A 619 -16.67 -9.36 -42.58
C CYS A 619 -16.50 -8.24 -43.58
N GLU A 620 -17.27 -7.18 -43.35
CA GLU A 620 -17.02 -5.87 -43.93
C GLU A 620 -16.84 -4.83 -42.83
N VAL A 621 -15.81 -4.00 -43.00
CA VAL A 621 -15.51 -2.90 -42.10
C VAL A 621 -15.81 -1.62 -42.87
N ILE A 622 -16.62 -0.74 -42.28
CA ILE A 622 -17.07 0.49 -42.93
C ILE A 622 -16.36 1.67 -42.29
N ALA A 623 -15.47 2.33 -43.02
CA ALA A 623 -14.76 3.50 -42.50
C ALA A 623 -15.06 4.75 -43.32
N VAL A 624 -14.85 5.91 -42.70
CA VAL A 624 -14.91 7.20 -43.36
C VAL A 624 -13.52 7.84 -43.30
N ASN A 625 -13.33 8.85 -44.13
CA ASN A 625 -12.13 9.67 -44.07
C ASN A 625 -12.32 10.75 -43.00
N THR A 626 -11.31 10.92 -42.13
CA THR A 626 -11.46 11.85 -41.01
C THR A 626 -11.42 13.31 -41.45
N ARG A 627 -10.67 13.60 -42.50
CA ARG A 627 -10.59 15.00 -42.97
C ARG A 627 -11.97 15.41 -43.49
N SER A 628 -12.51 14.67 -44.44
CA SER A 628 -13.87 14.95 -44.95
C SER A 628 -14.68 13.68 -44.75
N THR A 629 -15.62 13.66 -43.81
CA THR A 629 -16.39 12.44 -43.46
C THR A 629 -17.36 11.96 -44.54
N SER A 630 -17.65 12.73 -45.57
CA SER A 630 -18.57 12.17 -46.59
C SER A 630 -17.89 11.00 -47.28
N GLN A 631 -16.59 11.10 -47.58
CA GLN A 631 -15.86 10.02 -48.26
C GLN A 631 -16.04 8.72 -47.47
N THR A 632 -16.58 7.66 -48.07
CA THR A 632 -16.87 6.42 -47.33
C THR A 632 -16.09 5.24 -47.92
N PHE A 633 -15.63 4.33 -47.06
CA PHE A 633 -14.88 3.16 -47.48
C PHE A 633 -15.48 1.85 -46.93
N ILE A 634 -15.55 0.85 -47.81
CA ILE A 634 -15.95 -0.50 -47.47
C ILE A 634 -14.74 -1.40 -47.60
N TYR A 635 -14.39 -2.09 -46.50
CA TYR A 635 -13.29 -3.03 -46.48
C TYR A 635 -13.84 -4.41 -46.17
N LYS A 636 -13.48 -5.40 -47.00
CA LYS A 636 -14.00 -6.75 -46.89
C LYS A 636 -12.85 -7.71 -46.60
N CYS A 637 -13.10 -8.65 -45.70
CA CYS A 637 -12.02 -9.41 -45.09
C CYS A 637 -12.58 -10.67 -44.45
N ASP A 638 -11.69 -11.64 -44.24
CA ASP A 638 -12.07 -12.89 -43.57
C ASP A 638 -12.26 -12.73 -42.07
N ALA A 639 -11.55 -11.78 -41.46
CA ALA A 639 -11.49 -11.60 -40.02
C ALA A 639 -11.09 -10.15 -39.73
N VAL A 640 -11.66 -9.61 -38.65
CA VAL A 640 -11.28 -8.30 -38.12
C VAL A 640 -10.55 -8.48 -36.80
N LEU A 641 -9.37 -7.85 -36.69
CA LEU A 641 -8.68 -7.70 -35.42
C LEU A 641 -8.96 -6.28 -34.94
N CYS A 642 -9.71 -6.18 -33.86
CA CYS A 642 -10.04 -4.91 -33.23
C CYS A 642 -9.03 -4.59 -32.11
N THR A 643 -8.23 -3.54 -32.28
CA THR A 643 -7.44 -3.02 -31.18
C THR A 643 -7.98 -1.67 -30.77
N LEU A 644 -9.28 -1.52 -30.80
CA LEU A 644 -9.91 -0.26 -30.38
C LEU A 644 -9.67 -0.07 -28.90
N PRO A 645 -9.22 1.11 -28.46
CA PRO A 645 -8.98 1.33 -27.03
C PRO A 645 -10.24 1.14 -26.22
N LEU A 646 -10.06 0.64 -24.99
CA LEU A 646 -11.20 0.32 -24.14
C LEU A 646 -12.10 1.54 -23.95
N GLY A 647 -11.52 2.74 -23.99
CA GLY A 647 -12.34 3.95 -23.89
C GLY A 647 -13.22 4.12 -25.10
N VAL A 648 -12.65 3.91 -26.29
CA VAL A 648 -13.45 3.93 -27.51
C VAL A 648 -14.56 2.90 -27.40
N LEU A 649 -14.22 1.67 -27.00
CA LEU A 649 -15.22 0.63 -26.90
C LEU A 649 -16.29 0.98 -25.89
N LYS A 650 -15.96 1.85 -24.92
CA LYS A 650 -16.87 2.17 -23.84
C LYS A 650 -17.85 3.24 -24.26
N GLN A 651 -17.49 4.05 -25.26
CA GLN A 651 -18.18 5.28 -25.63
C GLN A 651 -19.66 5.07 -25.88
N GLN A 652 -20.49 5.90 -25.24
CA GLN A 652 -21.93 5.96 -25.48
C GLN A 652 -22.36 7.39 -25.79
N PRO A 653 -22.95 7.66 -26.97
CA PRO A 653 -23.25 6.76 -28.09
C PRO A 653 -21.98 6.20 -28.77
N PRO A 654 -22.11 5.03 -29.38
CA PRO A 654 -20.93 4.33 -29.91
C PRO A 654 -20.22 5.10 -31.02
N ALA A 655 -18.92 5.34 -30.82
CA ALA A 655 -18.06 5.70 -31.95
C ALA A 655 -18.08 4.61 -33.02
N VAL A 656 -18.25 3.35 -32.62
CA VAL A 656 -18.18 2.22 -33.57
C VAL A 656 -19.35 1.28 -33.31
N GLN A 657 -20.05 0.89 -34.35
CA GLN A 657 -21.20 0.04 -34.22
C GLN A 657 -20.82 -1.37 -34.65
N PHE A 658 -21.25 -2.34 -33.87
CA PHE A 658 -21.01 -3.69 -34.29
C PHE A 658 -22.30 -4.29 -34.80
N VAL A 659 -22.16 -5.05 -35.87
CA VAL A 659 -23.28 -5.63 -36.58
C VAL A 659 -22.94 -7.09 -36.82
N PRO A 660 -23.52 -8.01 -36.05
CA PRO A 660 -24.49 -7.75 -34.97
C PRO A 660 -23.86 -7.21 -33.68
N PRO A 661 -24.68 -6.74 -32.75
CA PRO A 661 -24.12 -6.22 -31.49
C PRO A 661 -23.26 -7.27 -30.80
N LEU A 662 -22.15 -6.81 -30.20
CA LEU A 662 -21.35 -7.70 -29.38
C LEU A 662 -22.23 -8.38 -28.34
N PRO A 663 -22.00 -9.66 -28.05
CA PRO A 663 -22.82 -10.36 -27.05
C PRO A 663 -22.70 -9.66 -25.69
N GLU A 664 -23.70 -9.88 -24.82
CA GLU A 664 -23.71 -9.05 -23.60
C GLU A 664 -22.55 -9.44 -22.68
N TRP A 665 -22.07 -10.68 -22.76
CA TRP A 665 -20.89 -11.02 -21.98
C TRP A 665 -19.68 -10.18 -22.37
N LYS A 666 -19.62 -9.71 -23.61
CA LYS A 666 -18.51 -8.84 -23.97
C LYS A 666 -18.79 -7.40 -23.58
N THR A 667 -20.03 -6.93 -23.79
CA THR A 667 -20.34 -5.55 -23.47
C THR A 667 -20.32 -5.34 -21.97
N SER A 668 -20.72 -6.35 -21.20
CA SER A 668 -20.69 -6.25 -19.74
C SER A 668 -19.27 -6.10 -19.24
N ALA A 669 -18.36 -6.93 -19.74
CA ALA A 669 -16.94 -6.76 -19.44
C ALA A 669 -16.46 -5.35 -19.77
N VAL A 670 -16.97 -4.76 -20.86
CA VAL A 670 -16.53 -3.41 -21.22
C VAL A 670 -17.00 -2.39 -20.19
N GLN A 671 -18.26 -2.48 -19.77
CA GLN A 671 -18.77 -1.59 -18.72
C GLN A 671 -18.03 -1.80 -17.41
N ARG A 672 -17.89 -3.04 -16.97
CA ARG A 672 -17.24 -3.34 -15.70
C ARG A 672 -15.84 -2.74 -15.62
N MET A 673 -15.08 -2.85 -16.70
CA MET A 673 -13.68 -2.47 -16.61
C MET A 673 -13.53 -0.98 -16.41
N GLY A 674 -12.29 -0.61 -16.13
CA GLY A 674 -11.98 0.76 -15.87
C GLY A 674 -11.02 1.23 -16.91
N PHE A 675 -11.37 2.32 -17.54
CA PHE A 675 -10.44 2.99 -18.43
C PHE A 675 -10.18 4.31 -17.75
N GLY A 676 -8.94 4.50 -17.34
CA GLY A 676 -8.57 5.65 -16.57
C GLY A 676 -8.09 6.80 -17.41
N ASN A 677 -7.47 7.75 -16.76
CA ASN A 677 -7.10 9.02 -17.36
C ASN A 677 -5.84 9.54 -16.66
N LEU A 678 -4.93 10.09 -17.44
CA LEU A 678 -3.62 10.53 -16.98
C LEU A 678 -2.98 11.47 -17.99
N ASN A 679 -2.59 12.69 -17.60
CA ASN A 679 -2.17 13.69 -18.59
C ASN A 679 -0.82 14.31 -18.25
N LYS A 680 -0.07 14.67 -19.29
CA LYS A 680 1.25 15.26 -19.15
C LYS A 680 1.31 16.69 -19.66
N VAL A 681 2.12 17.52 -19.01
CA VAL A 681 2.47 18.84 -19.50
C VAL A 681 3.94 18.83 -19.87
N VAL A 682 4.25 19.16 -21.12
CA VAL A 682 5.62 19.19 -21.60
C VAL A 682 6.09 20.62 -21.60
N LEU A 683 7.16 20.89 -20.85
CA LEU A 683 7.73 22.23 -20.70
C LEU A 683 9.14 22.22 -21.27
N CYS A 684 9.35 23.00 -22.33
CA CYS A 684 10.63 23.08 -23.03
C CYS A 684 11.28 24.43 -22.73
N PHE A 685 12.45 24.40 -22.12
CA PHE A 685 13.22 25.59 -21.82
C PHE A 685 14.50 25.58 -22.62
N ASP A 686 15.21 26.71 -22.66
CA ASP A 686 16.50 26.76 -23.33
C ASP A 686 17.66 26.44 -22.39
N ARG A 687 17.44 26.46 -21.07
CA ARG A 687 18.49 26.22 -20.09
C ARG A 687 18.02 25.19 -19.06
N VAL A 688 18.85 24.18 -18.81
CA VAL A 688 18.57 23.22 -17.75
C VAL A 688 18.82 23.87 -16.39
N PHE A 689 17.74 24.08 -15.62
CA PHE A 689 17.83 24.75 -14.33
C PHE A 689 17.46 23.85 -13.15
N TRP A 690 17.20 22.58 -13.38
CA TRP A 690 16.80 21.70 -12.30
C TRP A 690 18.01 20.87 -11.89
N ASP A 691 17.79 19.94 -10.99
CA ASP A 691 18.87 19.03 -10.66
C ASP A 691 19.01 17.99 -11.77
N PRO A 692 20.01 18.12 -12.63
CA PRO A 692 20.16 17.15 -13.73
C PRO A 692 20.61 15.77 -13.29
N SER A 693 20.88 15.54 -12.02
CA SER A 693 21.14 14.19 -11.55
C SER A 693 19.88 13.52 -11.03
N VAL A 694 18.76 14.22 -11.09
CA VAL A 694 17.46 13.73 -10.63
C VAL A 694 16.59 13.52 -11.87
N ASN A 695 15.97 12.35 -11.95
CA ASN A 695 15.04 12.11 -13.05
C ASN A 695 13.63 12.58 -12.71
N LEU A 696 13.30 12.63 -11.43
CA LEU A 696 11.93 12.92 -11.04
C LEU A 696 11.89 13.49 -9.63
N PHE A 697 11.15 14.58 -9.46
CA PHE A 697 10.98 15.23 -8.18
C PHE A 697 9.52 15.65 -8.01
N GLY A 698 9.09 15.76 -6.76
CA GLY A 698 7.69 15.90 -6.45
C GLY A 698 7.31 17.32 -6.07
N HIS A 699 6.00 17.53 -5.96
CA HIS A 699 5.41 18.76 -5.45
C HIS A 699 4.18 18.37 -4.66
N VAL A 700 4.13 18.74 -3.39
CA VAL A 700 3.01 18.28 -2.58
C VAL A 700 1.81 19.15 -2.86
N GLY A 701 0.68 18.51 -3.14
CA GLY A 701 -0.51 19.26 -3.47
C GLY A 701 -1.11 19.86 -2.22
N SER A 702 -1.56 21.11 -2.35
CA SER A 702 -2.10 21.84 -1.22
C SER A 702 -3.31 21.13 -0.62
N THR A 703 -4.12 20.49 -1.43
CA THR A 703 -5.37 19.92 -0.93
C THR A 703 -5.38 18.43 -1.23
N THR A 704 -6.27 17.70 -0.55
CA THR A 704 -6.49 16.31 -0.94
C THR A 704 -7.08 16.25 -2.35
N ALA A 705 -8.04 17.15 -2.65
CA ALA A 705 -8.65 17.16 -3.97
C ALA A 705 -7.63 17.44 -5.06
N SER A 706 -6.78 18.44 -4.85
CA SER A 706 -5.80 18.79 -5.87
C SER A 706 -4.52 17.99 -5.72
N ARG A 707 -4.58 16.79 -5.14
CA ARG A 707 -3.32 16.08 -4.92
C ARG A 707 -2.69 15.65 -6.24
N GLY A 708 -3.51 15.41 -7.27
CA GLY A 708 -2.99 15.02 -8.57
C GLY A 708 -2.53 16.17 -9.45
N GLU A 709 -2.84 17.41 -9.06
CA GLU A 709 -2.66 18.57 -9.91
C GLU A 709 -1.18 18.95 -9.93
N LEU A 710 -0.51 18.57 -11.00
CA LEU A 710 0.90 18.87 -11.24
C LEU A 710 1.81 18.46 -10.08
N PHE A 711 1.73 17.19 -9.69
CA PHE A 711 2.41 16.74 -8.49
C PHE A 711 3.74 16.05 -8.74
N LEU A 712 4.24 16.00 -9.97
CA LEU A 712 5.41 15.16 -10.18
C LEU A 712 6.07 15.49 -11.52
N PHE A 713 7.37 15.69 -11.50
CA PHE A 713 8.07 16.20 -12.67
C PHE A 713 9.09 15.17 -13.13
N TRP A 714 9.39 15.16 -14.43
CA TRP A 714 10.29 14.15 -15.01
C TRP A 714 11.35 14.85 -15.85
N ASN A 715 12.62 14.60 -15.52
CA ASN A 715 13.74 15.01 -16.36
C ASN A 715 14.29 13.75 -17.01
N LEU A 716 13.81 13.44 -18.22
CA LEU A 716 14.22 12.21 -18.89
C LEU A 716 15.05 12.45 -20.13
N TYR A 717 15.11 13.68 -20.64
CA TYR A 717 15.56 13.91 -22.00
C TYR A 717 16.84 14.71 -22.04
N LYS A 718 17.53 14.56 -23.17
CA LYS A 718 18.79 15.27 -23.43
C LYS A 718 18.55 16.77 -23.60
N ALA A 719 17.44 17.15 -24.22
CA ALA A 719 17.11 18.57 -24.29
C ALA A 719 16.52 19.05 -22.96
N PRO A 720 16.56 20.36 -22.71
CA PRO A 720 16.02 20.89 -21.46
C PRO A 720 14.51 20.81 -21.39
N ILE A 721 14.00 19.63 -21.10
CA ILE A 721 12.57 19.38 -21.08
C ILE A 721 12.21 18.82 -19.72
N LEU A 722 11.31 19.51 -19.03
CA LEU A 722 10.63 18.94 -17.87
C LEU A 722 9.24 18.51 -18.28
N LEU A 723 8.72 17.54 -17.55
CA LEU A 723 7.46 16.91 -17.91
C LEU A 723 6.66 16.66 -16.64
N ALA A 724 5.44 17.20 -16.59
CA ALA A 724 4.67 17.31 -15.37
C ALA A 724 3.38 16.49 -15.46
N LEU A 725 3.12 15.68 -14.45
CA LEU A 725 1.94 14.82 -14.45
C LEU A 725 0.72 15.52 -13.88
N VAL A 726 -0.46 15.11 -14.35
CA VAL A 726 -1.76 15.48 -13.78
C VAL A 726 -2.53 14.17 -13.65
N ALA A 727 -2.75 13.70 -12.42
CA ALA A 727 -3.36 12.39 -12.26
C ALA A 727 -4.61 12.48 -11.40
N GLY A 728 -5.20 11.32 -11.11
CA GLY A 728 -6.29 11.23 -10.18
C GLY A 728 -7.49 12.06 -10.58
N GLU A 729 -8.23 12.54 -9.59
CA GLU A 729 -9.37 13.41 -9.87
C GLU A 729 -8.96 14.68 -10.60
N ALA A 730 -7.68 15.06 -10.52
CA ALA A 730 -7.24 16.27 -11.20
C ALA A 730 -7.27 16.11 -12.71
N ALA A 731 -6.98 14.90 -13.21
CA ALA A 731 -6.83 14.67 -14.65
C ALA A 731 -8.06 15.13 -15.42
N GLY A 732 -9.23 14.59 -15.04
CA GLY A 732 -10.46 14.97 -15.71
C GLY A 732 -10.80 16.44 -15.60
N ILE A 733 -10.34 17.09 -14.52
CA ILE A 733 -10.64 18.51 -14.30
C ILE A 733 -9.84 19.39 -15.23
N MET A 734 -8.51 19.28 -15.16
CA MET A 734 -7.60 20.14 -15.93
C MET A 734 -7.80 20.01 -17.43
N GLU A 735 -8.53 18.98 -17.88
CA GLU A 735 -8.88 18.86 -19.29
C GLU A 735 -9.66 20.09 -19.74
N ASN A 736 -10.56 20.60 -18.88
CA ASN A 736 -11.42 21.76 -19.11
C ASN A 736 -10.76 23.08 -18.75
N ILE A 737 -9.44 23.19 -18.80
CA ILE A 737 -8.70 24.39 -18.44
C ILE A 737 -7.61 24.59 -19.49
N SER A 738 -7.48 25.82 -19.98
CA SER A 738 -6.60 26.11 -21.11
C SER A 738 -5.14 25.83 -20.78
N ASP A 739 -4.34 25.60 -21.83
CA ASP A 739 -2.92 25.30 -21.66
C ASP A 739 -2.17 26.45 -21.00
N ASP A 740 -2.56 27.69 -21.31
CA ASP A 740 -1.85 28.85 -20.76
C ASP A 740 -2.03 28.94 -19.25
N VAL A 741 -3.25 28.73 -18.76
CA VAL A 741 -3.46 28.56 -17.33
C VAL A 741 -2.61 27.40 -16.78
N ILE A 742 -2.56 26.27 -17.50
CA ILE A 742 -1.85 25.09 -16.98
C ILE A 742 -0.34 25.32 -16.97
N VAL A 743 0.22 25.84 -18.07
CA VAL A 743 1.66 26.09 -18.03
C VAL A 743 1.99 27.16 -17.00
N GLY A 744 1.03 28.03 -16.67
CA GLY A 744 1.19 28.95 -15.56
C GLY A 744 1.37 28.22 -14.25
N ARG A 745 0.33 27.50 -13.81
CA ARG A 745 0.39 26.72 -12.58
C ARG A 745 1.66 25.87 -12.51
N CYS A 746 2.18 25.42 -13.66
CA CYS A 746 3.52 24.79 -13.70
C CYS A 746 4.60 25.73 -13.28
N LEU A 747 4.66 26.90 -13.93
CA LEU A 747 5.76 27.81 -13.67
C LEU A 747 5.72 28.31 -12.23
N ALA A 748 4.52 28.58 -11.71
CA ALA A 748 4.34 28.86 -10.29
C ALA A 748 4.94 27.76 -9.42
N ILE A 749 4.47 26.52 -9.58
CA ILE A 749 4.99 25.43 -8.77
C ILE A 749 6.50 25.32 -8.93
N LEU A 750 7.00 25.44 -10.17
CA LEU A 750 8.45 25.34 -10.38
C LEU A 750 9.21 26.51 -9.75
N LYS A 751 8.71 27.75 -9.93
CA LYS A 751 9.38 28.92 -9.35
C LYS A 751 9.49 28.82 -7.82
N GLY A 752 8.38 28.49 -7.16
CA GLY A 752 8.40 28.30 -5.72
C GLY A 752 9.40 27.28 -5.24
N ILE A 753 9.76 26.31 -6.08
CA ILE A 753 10.70 25.27 -5.68
C ILE A 753 12.13 25.59 -6.13
N PHE A 754 12.31 26.49 -7.09
CA PHE A 754 13.63 26.76 -7.64
C PHE A 754 14.01 28.23 -7.64
N GLY A 755 13.05 29.15 -7.43
CA GLY A 755 13.34 30.57 -7.41
C GLY A 755 12.98 31.27 -8.71
N SER A 756 12.35 32.44 -8.61
CA SER A 756 11.81 33.12 -9.78
C SER A 756 12.87 33.55 -10.78
N SER A 757 14.14 33.56 -10.38
CA SER A 757 15.19 33.95 -11.32
C SER A 757 15.55 32.83 -12.29
N ALA A 758 15.45 31.56 -11.83
CA ALA A 758 15.98 30.42 -12.57
C ALA A 758 15.01 29.90 -13.63
N VAL A 759 13.71 29.99 -13.39
CA VAL A 759 12.63 29.65 -14.33
C VAL A 759 12.48 30.66 -15.46
N PRO A 760 12.91 30.34 -16.68
CA PRO A 760 12.65 31.23 -17.81
C PRO A 760 11.21 31.01 -18.28
N GLN A 761 10.84 31.72 -19.36
CA GLN A 761 9.60 31.27 -19.96
C GLN A 761 9.88 30.04 -20.82
N PRO A 762 8.91 29.12 -20.93
CA PRO A 762 9.13 27.93 -21.75
C PRO A 762 9.06 28.29 -23.22
N LYS A 763 9.89 27.61 -24.00
CA LYS A 763 9.95 27.97 -25.41
C LYS A 763 8.89 27.22 -26.23
N GLU A 764 8.55 26.00 -25.82
CA GLU A 764 7.46 25.22 -26.41
C GLU A 764 6.71 24.50 -25.29
N THR A 765 5.38 24.49 -25.39
CA THR A 765 4.53 23.79 -24.42
C THR A 765 3.50 22.95 -25.14
N VAL A 766 3.11 21.86 -24.48
CA VAL A 766 2.16 20.85 -24.95
C VAL A 766 1.42 20.30 -23.75
N VAL A 767 0.10 20.23 -23.82
CA VAL A 767 -0.69 19.71 -22.70
C VAL A 767 -1.59 18.61 -23.23
N SER A 768 -1.31 17.37 -22.86
CA SER A 768 -2.14 16.25 -23.31
C SER A 768 -3.56 16.37 -22.74
N ARG A 769 -4.52 15.81 -23.46
CA ARG A 769 -5.93 15.74 -23.02
C ARG A 769 -6.49 14.42 -23.58
N TRP A 770 -6.10 13.31 -22.94
CA TRP A 770 -6.39 11.98 -23.45
C TRP A 770 -7.84 11.57 -23.26
N ARG A 771 -8.51 12.05 -22.21
CA ARG A 771 -9.92 11.69 -22.12
C ARG A 771 -10.72 12.35 -23.23
N ALA A 772 -10.26 13.50 -23.70
CA ALA A 772 -10.97 14.20 -24.76
C ALA A 772 -10.63 13.63 -26.14
N ASP A 773 -9.39 13.11 -26.31
CA ASP A 773 -8.92 12.54 -27.56
C ASP A 773 -9.89 11.46 -28.03
N PRO A 774 -10.59 11.70 -29.14
CA PRO A 774 -11.60 10.73 -29.65
C PRO A 774 -11.09 9.31 -29.93
N TRP A 775 -9.80 9.12 -30.19
CA TRP A 775 -9.25 7.80 -30.52
C TRP A 775 -8.59 7.15 -29.30
N ALA A 776 -8.92 7.64 -28.11
CA ALA A 776 -8.41 7.10 -26.86
C ALA A 776 -9.54 7.07 -25.85
N ARG A 777 -10.17 8.22 -25.59
CA ARG A 777 -11.24 8.36 -24.58
C ARG A 777 -10.72 7.92 -23.20
N GLY A 778 -9.42 8.09 -23.02
CA GLY A 778 -8.75 7.81 -21.77
C GLY A 778 -7.27 7.51 -22.02
N SER A 779 -6.60 7.04 -20.95
CA SER A 779 -5.16 6.79 -20.95
C SER A 779 -4.82 5.29 -20.98
N TYR A 780 -5.24 4.52 -19.99
CA TYR A 780 -5.10 3.05 -20.03
C TYR A 780 -6.04 2.42 -19.02
N SER A 781 -6.11 1.11 -19.05
CA SER A 781 -7.08 0.43 -18.22
C SER A 781 -6.58 0.28 -16.77
N TYR A 782 -7.51 -0.05 -15.89
CA TYR A 782 -7.25 -0.28 -14.49
C TYR A 782 -8.30 -1.25 -14.01
N VAL A 783 -8.03 -1.99 -12.94
CA VAL A 783 -9.01 -2.98 -12.53
C VAL A 783 -10.01 -2.24 -11.65
N ALA A 784 -11.19 -1.95 -12.18
CA ALA A 784 -12.16 -1.20 -11.43
C ALA A 784 -12.75 -2.06 -10.33
N ALA A 785 -13.25 -1.39 -9.30
CA ALA A 785 -14.00 -2.09 -8.28
C ALA A 785 -15.20 -2.77 -8.93
N GLY A 786 -15.41 -4.03 -8.59
CA GLY A 786 -16.38 -4.84 -9.27
C GLY A 786 -15.87 -5.50 -10.52
N SER A 787 -14.74 -5.05 -11.05
CA SER A 787 -14.07 -5.79 -12.11
C SER A 787 -13.10 -6.77 -11.46
N SER A 788 -12.28 -7.39 -12.30
CA SER A 788 -11.23 -8.30 -11.88
C SER A 788 -10.34 -8.51 -13.09
N GLY A 789 -9.23 -9.20 -12.90
CA GLY A 789 -8.43 -9.53 -14.06
C GLY A 789 -9.10 -10.50 -15.00
N ASN A 790 -10.19 -11.13 -14.55
CA ASN A 790 -10.90 -12.05 -15.40
C ASN A 790 -11.62 -11.34 -16.55
N ASP A 791 -11.95 -10.06 -16.37
CA ASP A 791 -12.52 -9.28 -17.46
C ASP A 791 -11.52 -9.09 -18.56
N TYR A 792 -10.25 -8.95 -18.20
CA TYR A 792 -9.25 -8.85 -19.23
C TYR A 792 -9.24 -10.12 -20.10
N ASP A 793 -9.71 -11.24 -19.58
CA ASP A 793 -9.74 -12.39 -20.47
C ASP A 793 -11.00 -12.41 -21.30
N LEU A 794 -12.14 -12.12 -20.68
CA LEU A 794 -13.34 -11.81 -21.45
C LEU A 794 -13.02 -10.90 -22.64
N MET A 795 -12.38 -9.74 -22.41
CA MET A 795 -12.04 -8.83 -23.51
C MET A 795 -11.36 -9.54 -24.66
N ALA A 796 -10.44 -10.45 -24.35
CA ALA A 796 -9.60 -11.02 -25.40
C ALA A 796 -10.24 -12.18 -26.12
N GLN A 797 -11.46 -12.58 -25.75
CA GLN A 797 -12.00 -13.86 -26.20
C GLN A 797 -12.82 -13.56 -27.47
N PRO A 798 -12.50 -14.15 -28.63
CA PRO A 798 -13.02 -13.64 -29.89
C PRO A 798 -14.50 -13.98 -30.09
N ILE A 799 -15.17 -13.16 -30.99
CA ILE A 799 -16.59 -13.32 -31.31
C ILE A 799 -16.81 -14.22 -32.53
N THR A 800 -17.76 -15.13 -32.42
CA THR A 800 -18.12 -16.01 -33.52
C THR A 800 -19.56 -15.69 -33.93
N PRO A 801 -19.78 -15.30 -35.19
CA PRO A 801 -21.14 -14.93 -35.62
C PRO A 801 -22.04 -16.15 -35.65
N GLY A 802 -23.35 -15.90 -35.55
CA GLY A 802 -24.31 -16.95 -35.80
C GLY A 802 -24.26 -17.41 -37.25
N PRO A 803 -24.95 -18.50 -37.57
CA PRO A 803 -24.96 -18.95 -38.98
C PRO A 803 -25.82 -18.05 -39.87
N SER A 804 -25.38 -17.91 -41.13
CA SER A 804 -26.17 -17.21 -42.13
C SER A 804 -27.44 -18.00 -42.46
N ILE A 805 -27.28 -19.18 -43.03
CA ILE A 805 -28.36 -20.13 -43.27
C ILE A 805 -28.70 -20.81 -41.95
N PRO A 806 -29.97 -20.97 -41.60
CA PRO A 806 -30.28 -21.68 -40.35
C PRO A 806 -30.04 -23.18 -40.49
N GLY A 807 -29.48 -23.76 -39.43
CA GLY A 807 -29.19 -25.21 -39.48
C GLY A 807 -27.88 -25.45 -40.18
N ALA A 808 -27.15 -24.38 -40.49
CA ALA A 808 -25.82 -24.55 -41.10
C ALA A 808 -24.82 -24.86 -40.00
N PRO A 809 -23.65 -25.41 -40.32
CA PRO A 809 -22.71 -25.79 -39.31
C PRO A 809 -22.17 -24.55 -38.60
N GLN A 810 -21.82 -24.71 -37.33
CA GLN A 810 -21.33 -23.60 -36.50
C GLN A 810 -20.11 -22.98 -37.16
N PRO A 811 -20.05 -21.66 -37.26
CA PRO A 811 -18.99 -20.99 -37.95
C PRO A 811 -17.70 -20.74 -37.16
N ILE A 812 -16.71 -20.22 -37.87
CA ILE A 812 -15.38 -19.79 -37.39
C ILE A 812 -15.54 -18.47 -36.66
N PRO A 813 -14.64 -18.08 -35.74
CA PRO A 813 -14.74 -16.80 -35.08
C PRO A 813 -14.24 -15.78 -36.09
N ARG A 814 -14.89 -14.63 -36.18
CA ARG A 814 -14.48 -13.64 -37.19
C ARG A 814 -13.96 -12.35 -36.56
N LEU A 815 -14.31 -12.10 -35.31
CA LEU A 815 -13.91 -10.86 -34.61
C LEU A 815 -12.99 -11.18 -33.45
N PHE A 816 -11.78 -10.64 -33.50
CA PHE A 816 -10.69 -10.82 -32.55
C PHE A 816 -10.31 -9.49 -31.91
N PHE A 817 -9.71 -9.54 -30.72
CA PHE A 817 -9.46 -8.32 -29.94
C PHE A 817 -8.05 -8.31 -29.39
N ALA A 818 -7.30 -7.26 -29.67
CA ALA A 818 -6.02 -7.04 -29.03
C ALA A 818 -6.06 -5.69 -28.36
N GLY A 819 -4.91 -5.22 -27.92
CA GLY A 819 -4.89 -4.00 -27.14
C GLY A 819 -4.58 -4.27 -25.67
N GLU A 820 -3.97 -3.27 -25.03
CA GLU A 820 -3.52 -3.38 -23.62
C GLU A 820 -4.65 -3.77 -22.70
N HIS A 821 -5.89 -3.70 -23.12
CA HIS A 821 -6.96 -4.08 -22.18
C HIS A 821 -7.38 -5.52 -22.41
N THR A 822 -6.64 -6.27 -23.21
CA THR A 822 -7.02 -7.66 -23.48
C THR A 822 -5.96 -8.60 -22.93
N ILE A 823 -4.96 -8.06 -22.24
CA ILE A 823 -3.92 -8.97 -21.71
C ILE A 823 -3.90 -8.79 -20.20
N ARG A 824 -4.57 -9.69 -19.50
CA ARG A 824 -4.74 -9.65 -18.03
C ARG A 824 -3.44 -9.67 -17.26
N ASN A 825 -2.41 -10.32 -17.77
CA ASN A 825 -1.16 -10.42 -17.00
C ASN A 825 -0.27 -9.21 -17.23
N TYR A 826 -0.49 -8.43 -18.28
CA TYR A 826 0.43 -7.28 -18.49
C TYR A 826 -0.37 -6.08 -18.95
N PRO A 827 -1.47 -5.71 -18.30
CA PRO A 827 -2.27 -4.60 -18.72
C PRO A 827 -1.66 -3.22 -18.62
N ALA A 828 -2.30 -2.28 -19.28
CA ALA A 828 -1.92 -0.86 -19.28
C ALA A 828 -0.46 -0.65 -19.59
N THR A 829 0.13 -1.37 -20.53
CA THR A 829 1.54 -1.11 -20.83
C THR A 829 1.77 -1.37 -22.30
N VAL A 830 2.88 -0.90 -22.80
CA VAL A 830 3.21 -1.14 -24.19
C VAL A 830 3.57 -2.60 -24.42
N HIS A 831 4.49 -3.15 -23.62
CA HIS A 831 4.77 -4.56 -23.77
C HIS A 831 3.49 -5.38 -23.62
N GLY A 832 2.49 -4.85 -22.90
CA GLY A 832 1.21 -5.54 -22.85
C GLY A 832 0.51 -5.51 -24.19
N ALA A 833 0.35 -4.31 -24.75
CA ALA A 833 -0.19 -4.18 -26.10
C ALA A 833 0.50 -5.15 -27.05
N LEU A 834 1.80 -4.95 -27.23
CA LEU A 834 2.59 -5.79 -28.12
C LEU A 834 2.34 -7.27 -27.89
N LEU A 835 2.41 -7.72 -26.65
CA LEU A 835 2.17 -9.13 -26.44
C LEU A 835 0.78 -9.52 -26.94
N SER A 836 -0.25 -8.70 -26.65
CA SER A 836 -1.60 -9.07 -27.05
C SER A 836 -1.73 -9.16 -28.58
N GLY A 837 -1.07 -8.25 -29.31
CA GLY A 837 -1.07 -8.34 -30.76
C GLY A 837 -0.38 -9.59 -31.26
N LEU A 838 0.75 -9.95 -30.65
CA LEU A 838 1.38 -11.21 -30.99
C LEU A 838 0.44 -12.36 -30.73
N ARG A 839 -0.32 -12.28 -29.63
CA ARG A 839 -1.21 -13.37 -29.25
C ARG A 839 -2.28 -13.58 -30.31
N GLU A 840 -2.89 -12.49 -30.79
CA GLU A 840 -3.95 -12.62 -31.77
C GLU A 840 -3.43 -13.14 -33.10
N ALA A 841 -2.43 -12.46 -33.68
CA ALA A 841 -1.84 -12.98 -34.90
C ALA A 841 -1.60 -14.48 -34.79
N GLY A 842 -1.35 -14.98 -33.59
CA GLY A 842 -1.22 -16.42 -33.45
C GLY A 842 -2.57 -17.11 -33.54
N ARG A 843 -3.54 -16.61 -32.76
CA ARG A 843 -4.87 -17.21 -32.74
C ARG A 843 -5.54 -17.11 -34.12
N ILE A 844 -5.34 -15.98 -34.81
CA ILE A 844 -5.95 -15.78 -36.12
C ILE A 844 -5.32 -16.70 -37.15
N ALA A 845 -4.01 -16.71 -37.18
CA ALA A 845 -3.29 -17.54 -38.18
C ALA A 845 -3.63 -18.99 -37.94
N ASP A 846 -3.74 -19.39 -36.69
CA ASP A 846 -4.08 -20.79 -36.38
C ASP A 846 -5.45 -21.08 -36.97
N GLN A 847 -6.39 -20.18 -36.80
CA GLN A 847 -7.75 -20.37 -37.32
C GLN A 847 -7.78 -20.38 -38.83
N PHE A 848 -7.07 -19.47 -39.48
CA PHE A 848 -7.21 -19.35 -40.95
C PHE A 848 -6.10 -20.03 -41.72
N LEU A 849 -4.95 -20.25 -41.14
CA LEU A 849 -3.93 -20.95 -41.94
C LEU A 849 -3.82 -22.39 -41.46
N GLY A 850 -4.39 -22.69 -40.31
CA GLY A 850 -4.36 -24.06 -39.77
C GLY A 850 -3.15 -24.28 -38.88
N ALA A 851 -3.34 -24.95 -37.77
CA ALA A 851 -2.19 -25.23 -36.90
C ALA A 851 -1.72 -26.63 -37.25
N MET A 852 -0.60 -26.76 -37.94
CA MET A 852 -0.20 -28.11 -38.38
C MET A 852 0.69 -28.75 -37.34
N TYR A 853 1.07 -28.00 -36.31
CA TYR A 853 1.97 -28.55 -35.29
C TYR A 853 1.25 -29.26 -34.14
N THR A 854 0.02 -29.74 -34.34
CA THR A 854 -0.69 -30.46 -33.29
C THR A 854 -0.58 -31.98 -33.39
N LEU A 855 -0.29 -32.53 -34.59
CA LEU A 855 -0.11 -33.99 -34.76
C LEU A 855 0.98 -34.61 -33.86
N ARG B 12 -0.29 -13.02 6.93
CA ARG B 12 -0.90 -13.78 8.02
C ARG B 12 -1.33 -12.82 9.15
N LYS B 13 -0.47 -11.87 9.49
CA LYS B 13 -0.79 -10.84 10.46
C LYS B 13 -0.47 -9.48 9.85
N PRO B 14 -1.11 -8.40 10.32
CA PRO B 14 -0.89 -7.08 9.73
C PRO B 14 0.57 -6.70 9.80
N PRO B 15 1.02 -5.67 9.09
CA PRO B 15 2.34 -5.12 9.40
C PRO B 15 2.31 -4.59 10.83
N LYS B 16 3.50 -4.52 11.44
CA LYS B 16 3.57 -4.05 12.80
C LYS B 16 3.27 -2.55 12.85
N GLY B 17 2.73 -2.11 13.98
CA GLY B 17 2.30 -0.73 14.12
C GLY B 17 0.89 -0.46 13.60
N MET B 18 0.52 -1.12 12.49
CA MET B 18 -0.87 -1.08 12.05
C MET B 18 -1.75 -1.91 12.99
N PHE B 19 -2.89 -1.35 13.37
CA PHE B 19 -3.82 -2.05 14.25
C PHE B 19 -5.10 -2.29 13.48
N LEU B 20 -5.36 -3.55 13.17
CA LEU B 20 -6.57 -3.85 12.39
C LEU B 20 -7.27 -5.05 13.02
N SER B 21 -8.18 -4.79 13.95
CA SER B 21 -8.90 -5.93 14.55
C SER B 21 -10.12 -6.21 13.70
N GLN B 22 -10.58 -7.45 13.70
CA GLN B 22 -11.81 -7.77 12.96
C GLN B 22 -12.91 -6.89 13.54
N GLU B 23 -13.06 -6.93 14.87
CA GLU B 23 -14.06 -6.13 15.61
C GLU B 23 -14.04 -4.68 15.14
N ASP B 24 -12.90 -4.02 15.27
CA ASP B 24 -12.74 -2.59 14.97
C ASP B 24 -13.32 -2.21 13.61
N VAL B 25 -13.02 -2.98 12.57
CA VAL B 25 -13.49 -2.56 11.22
C VAL B 25 -15.01 -2.42 11.16
N GLU B 26 -15.74 -3.33 11.78
CA GLU B 26 -17.21 -3.30 11.67
C GLU B 26 -17.65 -1.99 12.26
N ALA B 27 -17.03 -1.61 13.36
CA ALA B 27 -17.44 -0.38 14.06
C ALA B 27 -17.26 0.79 13.12
N VAL B 28 -16.13 0.88 12.44
CA VAL B 28 -15.95 2.01 11.50
C VAL B 28 -16.80 1.82 10.23
N SER B 29 -16.90 0.59 9.74
CA SER B 29 -17.64 0.29 8.49
C SER B 29 -19.15 0.49 8.63
N ALA B 30 -19.71 0.18 9.79
CA ALA B 30 -21.17 0.07 9.97
C ALA B 30 -21.95 1.27 9.45
N ASN B 31 -21.48 2.51 9.62
CA ASN B 31 -22.30 3.62 9.08
C ASN B 31 -21.38 4.60 8.35
N ALA B 32 -21.95 5.51 7.56
CA ALA B 32 -21.11 6.42 6.78
C ALA B 32 -20.27 7.32 7.70
N THR B 33 -20.89 7.85 8.74
CA THR B 33 -20.24 8.79 9.69
C THR B 33 -19.74 8.07 10.93
N ALA B 34 -19.82 6.74 10.96
CA ALA B 34 -19.49 5.96 12.16
C ALA B 34 -18.05 6.26 12.58
N ALA B 35 -17.14 6.31 11.64
CA ALA B 35 -15.75 6.59 12.01
C ALA B 35 -15.67 7.95 12.67
N THR B 36 -16.32 8.96 12.11
CA THR B 36 -16.16 10.29 12.72
C THR B 36 -16.81 10.33 14.10
N THR B 37 -17.88 9.58 14.31
CA THR B 37 -18.45 9.62 15.67
C THR B 37 -17.48 8.91 16.59
N VAL B 38 -17.16 7.65 16.28
CA VAL B 38 -16.28 6.82 17.14
C VAL B 38 -15.01 7.59 17.47
N LEU B 39 -14.46 8.29 16.50
CA LEU B 39 -13.26 9.07 16.85
C LEU B 39 -13.68 10.14 17.85
N ARG B 40 -14.76 10.86 17.57
CA ARG B 40 -15.15 11.95 18.50
C ARG B 40 -15.42 11.40 19.90
N GLN B 41 -16.07 10.26 20.04
CA GLN B 41 -16.32 9.66 21.37
C GLN B 41 -15.00 9.61 22.13
N LEU B 42 -14.02 8.97 21.52
CA LEU B 42 -12.69 8.90 22.14
C LEU B 42 -12.20 10.32 22.38
N ASP B 43 -12.27 11.18 21.37
CA ASP B 43 -11.78 12.57 21.49
C ASP B 43 -12.45 13.27 22.69
N MET B 44 -13.76 13.12 22.82
CA MET B 44 -14.51 13.73 23.94
C MET B 44 -14.27 12.89 25.20
N GLU B 45 -13.86 11.64 25.08
CA GLU B 45 -13.61 10.91 26.34
C GLU B 45 -12.19 11.18 26.77
N LEU B 46 -11.36 11.75 25.92
CA LEU B 46 -10.00 12.05 26.40
C LEU B 46 -10.10 13.33 27.22
N VAL B 47 -10.87 14.30 26.77
CA VAL B 47 -10.92 15.50 27.59
C VAL B 47 -11.55 15.17 28.95
N SER B 48 -12.53 14.27 28.97
CA SER B 48 -13.07 13.74 30.22
C SER B 48 -11.97 13.28 31.18
N VAL B 49 -10.93 12.63 30.65
CA VAL B 49 -9.88 12.11 31.53
C VAL B 49 -8.88 13.19 31.90
N LYS B 50 -8.47 14.03 30.94
CA LYS B 50 -7.55 15.10 31.28
C LYS B 50 -8.20 16.10 32.24
N ARG B 51 -9.50 16.38 32.06
CA ARG B 51 -10.19 17.26 33.00
C ARG B 51 -10.23 16.65 34.39
N GLN B 52 -10.21 15.31 34.49
CA GLN B 52 -10.29 14.67 35.79
C GLN B 52 -8.93 14.51 36.46
N ILE B 53 -7.86 14.33 35.68
CA ILE B 53 -6.53 14.52 36.25
C ILE B 53 -6.40 15.89 36.87
N GLN B 54 -6.75 16.95 36.14
CA GLN B 54 -6.63 18.29 36.73
C GLN B 54 -7.38 18.37 38.06
N ASN B 55 -8.53 17.73 38.10
CA ASN B 55 -9.33 17.74 39.34
C ASN B 55 -8.54 17.07 40.45
N ILE B 56 -8.18 15.82 40.24
CA ILE B 56 -7.44 15.05 41.27
C ILE B 56 -6.08 15.66 41.54
N LYS B 57 -5.44 16.19 40.53
CA LYS B 57 -4.12 16.81 40.79
C LYS B 57 -4.34 17.97 41.75
N GLN B 58 -5.35 18.81 41.50
CA GLN B 58 -5.62 19.95 42.41
C GLN B 58 -6.04 19.43 43.77
N THR B 59 -6.84 18.38 43.82
CA THR B 59 -7.22 17.88 45.17
C THR B 59 -5.96 17.39 45.87
N ASN B 60 -5.11 16.66 45.19
CA ASN B 60 -3.87 16.15 45.79
C ASN B 60 -2.97 17.31 46.20
N SER B 61 -2.92 18.38 45.43
CA SER B 61 -2.04 19.51 45.81
C SER B 61 -2.48 20.06 47.15
N ALA B 62 -3.79 20.22 47.36
CA ALA B 62 -4.25 20.73 48.66
C ALA B 62 -3.79 19.78 49.76
N LEU B 63 -4.19 18.51 49.67
CA LEU B 63 -3.82 17.53 50.69
C LEU B 63 -2.33 17.57 51.04
N LYS B 64 -1.48 17.94 50.07
CA LYS B 64 -0.06 18.14 50.36
C LYS B 64 0.17 19.42 51.16
N GLU B 65 -0.56 20.51 50.83
CA GLU B 65 -0.46 21.75 51.60
C GLU B 65 -0.63 21.52 53.10
N LYS B 66 -1.46 20.54 53.48
CA LYS B 66 -1.79 20.32 54.89
C LYS B 66 -0.66 19.63 55.64
N LEU B 67 0.00 18.70 54.98
CA LEU B 67 1.09 17.93 55.54
C LEU B 67 2.41 18.69 55.59
N ASP B 68 2.39 20.00 55.39
CA ASP B 68 3.61 20.76 55.59
C ASP B 68 4.01 20.71 57.06
N GLY B 69 5.28 20.43 57.29
CA GLY B 69 5.78 20.13 58.61
C GLY B 69 6.08 18.66 58.83
N GLY B 70 5.54 17.80 57.96
CA GLY B 70 5.70 16.37 58.17
C GLY B 70 5.09 15.99 59.50
N ILE B 71 5.82 15.17 60.25
CA ILE B 71 5.46 14.89 61.63
C ILE B 71 6.65 15.22 62.50
N GLU B 72 7.36 16.31 62.18
CA GLU B 72 8.69 16.44 62.76
C GLU B 72 8.66 17.17 64.09
N PRO B 73 7.83 18.19 64.27
CA PRO B 73 7.58 18.66 65.64
C PRO B 73 7.01 17.59 66.56
N TYR B 74 6.55 16.43 66.04
CA TYR B 74 5.81 15.54 66.92
C TYR B 74 6.52 14.21 67.14
N ARG B 75 7.76 14.12 66.69
CA ARG B 75 8.54 12.87 66.83
C ARG B 75 9.10 12.80 68.24
N LEU B 76 9.41 11.61 68.71
CA LEU B 76 9.96 11.48 70.07
C LEU B 76 11.28 10.75 69.97
N PRO B 77 12.30 11.13 70.75
CA PRO B 77 13.60 10.51 70.68
C PRO B 77 13.55 9.01 70.95
N GLU B 78 14.37 8.27 70.21
CA GLU B 78 14.41 6.80 70.35
C GLU B 78 14.96 6.44 71.73
N VAL B 79 14.34 5.48 72.39
CA VAL B 79 14.80 5.02 73.72
C VAL B 79 15.69 3.80 73.51
N ILE B 80 16.99 4.00 73.43
CA ILE B 80 17.94 2.87 73.22
C ILE B 80 18.10 2.18 74.57
N GLN B 81 17.56 0.97 74.75
CA GLN B 81 17.64 0.41 76.12
C GLN B 81 18.08 -1.04 76.15
N LYS B 82 19.15 -1.32 76.88
CA LYS B 82 19.66 -2.71 77.04
C LYS B 82 18.54 -3.51 77.68
N CYS B 83 18.24 -4.69 77.16
CA CYS B 83 17.14 -5.49 77.75
C CYS B 83 17.59 -6.09 79.08
N ASN B 84 16.64 -6.41 79.95
CA ASN B 84 16.91 -6.98 81.29
C ASN B 84 15.97 -8.18 81.49
N ALA B 85 16.37 -9.15 82.31
CA ALA B 85 15.64 -10.37 82.58
C ALA B 85 14.97 -10.40 83.96
N ARG B 86 15.37 -9.54 84.89
CA ARG B 86 14.76 -9.46 86.22
C ARG B 86 13.56 -8.53 86.19
N TRP B 87 12.41 -9.02 86.65
CA TRP B 87 11.16 -8.27 86.66
C TRP B 87 11.05 -7.48 87.97
N THR B 88 11.41 -6.20 87.93
CA THR B 88 11.15 -5.34 89.09
C THR B 88 9.63 -5.27 89.29
N THR B 89 9.22 -5.11 90.55
CA THR B 89 7.79 -4.97 90.81
C THR B 89 7.17 -3.88 89.96
N GLU B 90 7.93 -2.82 89.69
CA GLU B 90 7.45 -1.76 88.80
C GLU B 90 7.01 -2.34 87.46
N GLU B 91 7.91 -3.05 86.81
CA GLU B 91 7.70 -3.43 85.43
C GLU B 91 6.85 -4.68 85.29
N GLN B 92 6.66 -5.42 86.38
CA GLN B 92 5.51 -6.32 86.46
C GLN B 92 4.22 -5.54 86.33
N LEU B 93 4.15 -4.36 86.95
CA LEU B 93 2.89 -3.63 86.99
C LEU B 93 2.62 -2.93 85.68
N LEU B 94 3.65 -2.34 85.06
CA LEU B 94 3.54 -1.91 83.67
C LEU B 94 2.89 -3.01 82.83
N ALA B 95 3.35 -4.25 83.00
CA ALA B 95 2.89 -5.36 82.18
C ALA B 95 1.39 -5.57 82.33
N VAL B 96 0.91 -5.85 83.54
CA VAL B 96 -0.52 -6.10 83.76
C VAL B 96 -1.36 -5.00 83.13
N GLN B 97 -0.86 -3.77 83.18
CA GLN B 97 -1.58 -2.68 82.54
C GLN B 97 -1.51 -2.78 81.03
N ALA B 98 -0.32 -3.07 80.54
CA ALA B 98 -0.11 -3.19 79.09
C ALA B 98 -1.02 -4.29 78.58
N ILE B 99 -1.12 -5.37 79.34
CA ILE B 99 -1.99 -6.47 78.87
C ILE B 99 -3.42 -5.97 78.79
N ARG B 100 -3.87 -5.22 79.78
CA ARG B 100 -5.26 -4.75 79.79
C ARG B 100 -5.51 -3.82 78.59
N LYS B 101 -4.55 -3.00 78.22
CA LYS B 101 -4.77 -2.04 77.13
C LYS B 101 -4.45 -2.64 75.77
N TYR B 102 -3.85 -3.81 75.70
CA TYR B 102 -3.45 -4.29 74.35
C TYR B 102 -3.93 -5.71 74.09
N GLY B 103 -4.05 -6.50 75.14
CA GLY B 103 -4.44 -7.88 75.01
C GLY B 103 -3.25 -8.81 74.82
N ARG B 104 -3.06 -9.26 73.58
CA ARG B 104 -1.98 -10.19 73.25
C ARG B 104 -1.01 -9.62 72.23
N ASP B 105 -0.91 -8.29 72.10
CA ASP B 105 0.09 -7.76 71.19
C ASP B 105 1.41 -7.82 71.95
N PHE B 106 2.11 -8.97 71.89
CA PHE B 106 3.25 -9.16 72.77
C PHE B 106 4.35 -8.15 72.47
N GLN B 107 4.43 -7.66 71.23
CA GLN B 107 5.44 -6.67 70.89
C GLN B 107 5.17 -5.35 71.58
N ALA B 108 3.98 -4.79 71.38
CA ALA B 108 3.69 -3.49 71.98
C ALA B 108 3.90 -3.53 73.49
N ILE B 109 3.45 -4.62 74.14
CA ILE B 109 3.67 -4.79 75.57
C ILE B 109 5.15 -4.73 75.92
N SER B 110 6.01 -5.12 74.98
CA SER B 110 7.45 -5.03 75.25
C SER B 110 7.96 -3.60 75.21
N ASP B 111 7.37 -2.71 74.41
CA ASP B 111 7.99 -1.40 74.25
C ASP B 111 7.47 -0.38 75.24
N VAL B 112 6.26 -0.62 75.75
CA VAL B 112 5.81 -0.04 77.01
C VAL B 112 6.87 -0.36 78.06
N ILE B 113 7.13 -1.63 78.29
CA ILE B 113 8.13 -1.98 79.32
C ILE B 113 9.51 -1.43 78.94
N GLY B 114 10.07 -1.87 77.83
CA GLY B 114 11.32 -1.30 77.30
C GLY B 114 12.58 -1.89 77.89
N ASN B 115 12.48 -2.75 78.90
CA ASN B 115 13.72 -3.39 79.41
C ASN B 115 13.58 -4.86 79.07
N LYS B 116 12.33 -5.29 79.00
CA LYS B 116 12.04 -6.65 78.60
C LYS B 116 12.03 -6.76 77.09
N SER B 117 12.68 -7.80 76.60
CA SER B 117 12.55 -8.16 75.20
C SER B 117 11.17 -8.78 74.98
N VAL B 118 10.97 -9.27 73.75
CA VAL B 118 9.63 -9.66 73.33
C VAL B 118 9.28 -11.01 73.93
N VAL B 119 10.27 -11.89 74.11
CA VAL B 119 10.00 -13.29 74.39
C VAL B 119 9.48 -13.48 75.81
N GLN B 120 10.19 -12.95 76.80
CA GLN B 120 9.81 -13.21 78.16
C GLN B 120 8.60 -12.39 78.57
N VAL B 121 8.11 -11.63 77.60
CA VAL B 121 6.75 -11.05 77.80
C VAL B 121 5.88 -12.28 77.59
N LYS B 122 6.18 -13.05 76.54
CA LYS B 122 5.46 -14.29 76.24
C LYS B 122 5.58 -15.18 77.49
N ASN B 123 6.81 -15.35 77.95
CA ASN B 123 7.08 -16.16 79.16
C ASN B 123 6.19 -15.67 80.31
N PHE B 124 6.28 -14.38 80.62
CA PHE B 124 5.55 -13.70 81.74
C PHE B 124 4.12 -14.19 81.86
N PHE B 125 3.40 -14.15 80.75
CA PHE B 125 1.99 -14.60 80.65
C PHE B 125 1.75 -15.92 81.38
N VAL B 126 2.59 -16.93 81.17
CA VAL B 126 2.32 -18.21 81.89
C VAL B 126 2.82 -18.11 83.32
N ASN B 127 3.98 -17.52 83.50
CA ASN B 127 4.61 -17.43 84.83
C ASN B 127 3.63 -16.89 85.86
N TYR B 128 3.07 -15.71 85.63
CA TYR B 128 2.20 -15.08 86.66
C TYR B 128 0.72 -15.31 86.38
N ARG B 129 0.41 -16.16 85.41
CA ARG B 129 -0.97 -16.44 84.95
C ARG B 129 -2.00 -16.51 86.08
N ARG B 130 -1.62 -16.97 87.27
CA ARG B 130 -2.64 -17.06 88.30
C ARG B 130 -2.55 -15.93 89.31
N ARG B 131 -1.32 -15.48 89.55
CA ARG B 131 -1.06 -14.41 90.54
C ARG B 131 -1.55 -13.08 89.98
N PHE B 132 -1.55 -12.92 88.67
CA PHE B 132 -2.00 -11.63 88.12
C PHE B 132 -3.32 -11.78 87.41
N ASN B 133 -3.96 -12.94 87.53
CA ASN B 133 -5.26 -13.25 86.87
C ASN B 133 -5.27 -12.78 85.42
N ILE B 134 -4.25 -13.14 84.65
CA ILE B 134 -4.11 -12.66 83.25
C ILE B 134 -5.33 -13.04 82.44
N ASP B 135 -5.84 -14.25 82.62
CA ASP B 135 -7.09 -14.68 81.94
C ASP B 135 -8.14 -13.62 82.22
N GLU B 136 -8.38 -13.34 83.50
CA GLU B 136 -9.39 -12.34 83.89
C GLU B 136 -9.05 -11.01 83.23
N VAL B 137 -7.80 -10.59 83.32
CA VAL B 137 -7.40 -9.31 82.67
C VAL B 137 -7.69 -9.40 81.18
N LEU B 138 -7.32 -10.52 80.54
CA LEU B 138 -7.52 -10.59 79.08
C LEU B 138 -8.99 -10.61 78.71
N GLN B 139 -9.86 -11.15 79.56
CA GLN B 139 -11.29 -11.09 79.25
C GLN B 139 -11.67 -9.61 79.07
N GLU B 140 -11.32 -8.80 80.06
CA GLU B 140 -11.62 -7.35 80.06
C GLU B 140 -11.20 -6.74 78.73
N TRP B 141 -9.95 -6.95 78.31
CA TRP B 141 -9.48 -6.40 77.05
C TRP B 141 -10.41 -6.77 75.89
N GLU B 142 -11.04 -7.96 75.94
CA GLU B 142 -11.95 -8.40 74.87
C GLU B 142 -13.32 -7.72 74.91
N ALA B 143 -13.70 -7.06 76.01
CA ALA B 143 -14.86 -6.16 75.96
C ALA B 143 -14.67 -5.06 74.93
N GLU B 144 -13.42 -4.68 74.65
CA GLU B 144 -13.13 -3.58 73.74
C GLU B 144 -12.67 -4.09 72.37
#